data_5VCJ
#
_entry.id   5VCJ
#
_cell.length_a   79.261
_cell.length_b   191.611
_cell.length_c   151.249
_cell.angle_alpha   90.000
_cell.angle_beta   90.000
_cell.angle_gamma   90.000
#
_symmetry.space_group_name_H-M   'C 2 2 21'
#
loop_
_entity.id
_entity.type
_entity.pdbx_description
1 polymer 'Antigen-presenting glycoprotein CD1d1'
2 polymer Beta-2-microglobulin
3 polymer 'Chimeric TCR Valpha14/Jalpha18 chain (mouse variable domain, human constant domain)'
4 polymer 'Chimeric TCR Vbeta8.2 chain (mouse variable domain, human constant domain)'
5 branched alpha-D-mannopyranose-(1-3)-[alpha-D-mannopyranose-(1-6)]beta-D-mannopyranose-(1-4)-2-acetamido-2-deoxy-beta-D-glucopyranose-(1-4)-[alpha-L-fucopyranose-(1-6)]2-acetamido-2-deoxy-beta-D-glucopyranose
6 non-polymer '(2S,3S,4R)-2-amino-3,4-dihydroxyoctadecyl alpha-D-galactopyranoside'
7 non-polymer 'PALMITIC ACID'
8 non-polymer 2-acetamido-2-deoxy-beta-D-glucopyranose
#
loop_
_entity_poly.entity_id
_entity_poly.type
_entity_poly.pdbx_seq_one_letter_code
_entity_poly.pdbx_strand_id
1 'polypeptide(L)'
;SEAQQKNYTFRCLQMSSFANRSWSRTDSVVWLGDLQTHRWSNDSATISFTKPWSQGKLSNQQWEKLQHMFQVYRVSFTRD
IQELVKMMSPKEDYPIEIQLSAGCEMYPGNASESFLHVAFQGKYVVRFWGTSWQTVPGAPSWLDLPIKVLNADQGTSATV
QMLLNDTCPLFVRGLLEAGKSDLEKQEKPVAWLSSVPSSAHGHRQLVCHVSGFYPKPVWVMWMRGDQEQQGTHRGDFLPN
ADETWYLQATLDVEAGEEAGLACRVKHSSLGGQDIILYWHHHHHH
;
A
2 'polypeptide(L)'
;IQKTPQIQVYSRHPPENGKPNILNCYVTQFHPPHIEIQMLKNGKKIPKVEMSDMSFSKDWSFYILAHTEFTPTETDTYAC
RVKHASMAEPKTVYWDRDM
;
B
3 'polypeptide(L)'
;MKTQVEQSPQSLVVRQGENCVLQCNYSVTPDNHLRWFKQDTGKGLVSLTVLVDQKDKTSNGRYSATLDKDAKHSTLHITA
TLLDDTATYICVVGDRGSALGRLHFGAGTQLIVIPDIQNPDPAVYQLRDSKSSDKSVCLFTDFDSQTNVSQSKDSDVYIT
DKCVLDMRSMDFKSNSAVAWSNKSDFACANAFNNSIIPEDTFFPSPESS
;
C
4 'polypeptide(L)'
;MEAAVTQSPRNKVAVTGGKVTLSCNQTNNHNNMYWYRQDTGHGLRLIHYSYGAGSTEKGDIPDGYKASRPSQENFSLILE
LATPSQTSVYFCASGDEGYTQYFGPGTRLLVLEDLRNVTPPKVSLFEPSKAEISHTQKATLVCLATGFYPDHVELSWWVN
GKEVHSGVCTDPQPLKEQPALNDSRYSLSSRLRVSATFWQNPRNHFRCQVQFYGLSENDEWTQDRAKPVTQIVSAEAWGR
A
;
D
#
# COMPACT_ATOMS: atom_id res chain seq x y z
N ASN A 7 29.30 32.11 0.01
CA ASN A 7 27.87 32.04 -0.43
C ASN A 7 27.55 30.69 -1.12
N TYR A 8 27.58 29.62 -0.33
CA TYR A 8 27.56 28.24 -0.84
C TYR A 8 26.16 27.68 -1.09
N THR A 9 26.07 26.71 -2.01
CA THR A 9 24.83 25.99 -2.32
C THR A 9 24.97 24.48 -2.05
N PHE A 10 23.99 23.93 -1.32
CA PHE A 10 23.93 22.50 -0.99
C PHE A 10 22.90 21.82 -1.91
N ARG A 11 23.26 20.65 -2.44
CA ARG A 11 22.48 20.00 -3.48
C ARG A 11 22.39 18.49 -3.28
N CYS A 12 21.17 17.95 -3.24
CA CYS A 12 20.93 16.51 -3.27
C CYS A 12 20.34 16.13 -4.63
N LEU A 13 21.19 15.60 -5.51
CA LEU A 13 20.77 15.17 -6.83
C LEU A 13 20.41 13.68 -6.78
N GLN A 14 19.15 13.36 -7.11
CA GLN A 14 18.67 11.98 -7.19
C GLN A 14 18.30 11.67 -8.65
N MET A 15 18.70 10.50 -9.13
CA MET A 15 18.41 10.02 -10.49
C MET A 15 17.73 8.67 -10.40
N SER A 16 16.59 8.52 -11.03
CA SER A 16 15.82 7.27 -10.97
C SER A 16 15.36 6.83 -12.37
N SER A 17 15.76 5.62 -12.77
CA SER A 17 15.35 5.02 -14.05
C SER A 17 14.39 3.87 -13.81
N PHE A 18 13.23 3.91 -14.47
CA PHE A 18 12.25 2.83 -14.46
C PHE A 18 12.20 2.29 -15.90
N ALA A 19 12.72 1.08 -16.12
CA ALA A 19 12.86 0.53 -17.48
C ALA A 19 11.56 -0.10 -17.95
N ASN A 20 10.95 -0.87 -17.06
CA ASN A 20 9.65 -1.50 -17.27
C ASN A 20 8.95 -1.55 -15.89
N ARG A 21 7.84 -2.25 -15.77
CA ARG A 21 7.10 -2.26 -14.50
C ARG A 21 7.80 -2.94 -13.32
N SER A 22 8.68 -3.91 -13.58
CA SER A 22 9.40 -4.63 -12.52
C SER A 22 10.78 -4.04 -12.19
N TRP A 23 11.55 -3.67 -13.21
CA TRP A 23 12.93 -3.18 -13.07
C TRP A 23 13.00 -1.67 -12.77
N SER A 24 13.82 -1.29 -11.79
CA SER A 24 14.15 0.13 -11.56
C SER A 24 15.45 0.29 -10.73
N ARG A 25 15.94 1.53 -10.63
CA ARG A 25 17.09 1.83 -9.78
C ARG A 25 17.15 3.32 -9.42
N THR A 26 17.66 3.63 -8.22
CA THR A 26 17.80 5.02 -7.73
C THR A 26 19.19 5.27 -7.15
N ASP A 27 19.91 6.21 -7.77
CA ASP A 27 21.27 6.60 -7.36
C ASP A 27 21.29 8.10 -7.01
N SER A 28 21.84 8.45 -5.85
CA SER A 28 21.95 9.86 -5.40
C SER A 28 23.43 10.29 -5.30
N VAL A 29 23.68 11.59 -5.39
CA VAL A 29 24.97 12.20 -5.02
C VAL A 29 24.69 13.58 -4.39
N VAL A 30 25.60 14.04 -3.53
CA VAL A 30 25.38 15.27 -2.77
C VAL A 30 26.60 16.20 -2.90
N TRP A 31 26.36 17.44 -3.30
CA TRP A 31 27.40 18.45 -3.50
C TRP A 31 27.24 19.63 -2.53
N LEU A 32 28.37 20.24 -2.17
CA LEU A 32 28.41 21.49 -1.42
C LEU A 32 29.41 22.38 -2.16
N GLY A 33 28.91 23.26 -3.02
CA GLY A 33 29.74 23.96 -3.98
C GLY A 33 30.10 22.96 -5.07
N ASP A 34 31.38 22.86 -5.40
CA ASP A 34 31.85 21.88 -6.39
C ASP A 34 32.43 20.57 -5.78
N LEU A 35 32.41 20.44 -4.45
CA LEU A 35 32.93 19.22 -3.77
C LEU A 35 31.84 18.19 -3.43
N GLN A 36 32.07 16.91 -3.74
CA GLN A 36 31.11 15.84 -3.40
C GLN A 36 31.23 15.52 -1.92
N THR A 37 30.09 15.45 -1.22
CA THR A 37 30.07 15.10 0.21
C THR A 37 29.47 13.72 0.51
N HIS A 38 28.54 13.25 -0.31
CA HIS A 38 27.90 11.94 -0.13
C HIS A 38 27.65 11.26 -1.47
N ARG A 39 27.46 9.94 -1.42
CA ARG A 39 26.94 9.17 -2.56
C ARG A 39 25.98 8.14 -1.99
N TRP A 40 25.06 7.64 -2.82
CA TRP A 40 24.17 6.55 -2.40
C TRP A 40 23.73 5.73 -3.61
N SER A 41 24.50 4.68 -3.90
CA SER A 41 24.23 3.76 -4.99
C SER A 41 22.99 2.88 -4.71
N ASN A 42 22.35 2.35 -5.76
CA ASN A 42 21.23 1.41 -5.58
C ASN A 42 21.69 0.16 -4.82
N ASP A 43 22.96 -0.19 -4.99
CA ASP A 43 23.57 -1.39 -4.40
C ASP A 43 23.74 -1.23 -2.90
N SER A 44 24.24 -0.06 -2.47
CA SER A 44 24.37 0.26 -1.04
C SER A 44 23.01 0.38 -0.36
N ALA A 45 22.89 -0.27 0.80
CA ALA A 45 21.70 -0.12 1.63
C ALA A 45 21.76 1.14 2.50
N THR A 46 22.91 1.83 2.50
CA THR A 46 23.15 2.95 3.39
C THR A 46 23.95 4.05 2.67
N ILE A 47 23.76 5.30 3.10
CA ILE A 47 24.42 6.45 2.47
C ILE A 47 25.90 6.46 2.85
N SER A 48 26.77 6.74 1.87
CA SER A 48 28.22 6.72 2.05
C SER A 48 28.77 8.15 2.08
N PHE A 49 29.70 8.40 3.01
CA PHE A 49 30.42 9.66 3.04
C PHE A 49 31.55 9.63 1.99
N THR A 50 31.82 10.77 1.36
CA THR A 50 33.01 10.93 0.49
C THR A 50 34.00 11.97 1.05
N LYS A 51 33.73 12.48 2.26
CA LYS A 51 34.69 13.29 3.01
C LYS A 51 34.67 12.85 4.47
N PRO A 52 35.77 13.12 5.22
CA PRO A 52 35.80 12.99 6.69
C PRO A 52 34.72 13.77 7.44
N TRP A 53 34.35 14.95 6.91
CA TRP A 53 33.46 15.90 7.58
C TRP A 53 31.99 15.81 7.13
N SER A 54 31.64 14.74 6.41
CA SER A 54 30.34 14.63 5.74
C SER A 54 29.14 14.46 6.70
N GLN A 55 29.38 13.89 7.88
CA GLN A 55 28.33 13.81 8.90
C GLN A 55 28.02 15.20 9.50
N GLY A 56 28.95 16.14 9.33
CA GLY A 56 28.74 17.53 9.71
C GLY A 56 28.90 17.66 11.21
N LYS A 57 28.05 18.47 11.82
CA LYS A 57 27.98 18.60 13.28
C LYS A 57 26.82 17.78 13.87
N LEU A 58 26.26 16.83 13.10
CA LEU A 58 25.19 15.95 13.62
C LEU A 58 25.81 14.85 14.49
N SER A 59 25.09 14.46 15.55
CA SER A 59 25.48 13.31 16.37
C SER A 59 25.32 12.02 15.57
N ASN A 60 25.85 10.92 16.10
CA ASN A 60 25.72 9.62 15.43
C ASN A 60 24.25 9.16 15.40
N GLN A 61 23.51 9.43 16.47
CA GLN A 61 22.10 9.02 16.57
C GLN A 61 21.16 9.90 15.71
N GLN A 62 21.52 11.17 15.52
CA GLN A 62 20.78 12.06 14.61
C GLN A 62 20.92 11.64 13.17
N TRP A 63 22.16 11.30 12.79
CA TRP A 63 22.45 10.78 11.46
C TRP A 63 21.70 9.48 11.17
N GLU A 64 21.61 8.59 12.16
CA GLU A 64 20.94 7.29 11.98
C GLU A 64 19.46 7.47 11.67
N LYS A 65 18.78 8.31 12.44
CA LYS A 65 17.35 8.61 12.24
C LYS A 65 17.08 9.36 10.93
N LEU A 66 18.07 10.12 10.46
CA LEU A 66 18.00 10.81 9.17
C LEU A 66 18.21 9.83 8.01
N GLN A 67 19.25 9.01 8.12
CA GLN A 67 19.55 7.96 7.14
C GLN A 67 18.43 6.94 6.99
N HIS A 68 17.81 6.56 8.11
CA HIS A 68 16.69 5.63 8.11
C HIS A 68 15.44 6.21 7.43
N MET A 69 15.23 7.52 7.58
CA MET A 69 14.19 8.23 6.85
C MET A 69 14.40 8.12 5.34
N PHE A 70 15.65 8.29 4.89
CA PHE A 70 15.98 8.18 3.47
C PHE A 70 15.85 6.75 2.96
N GLN A 71 16.40 5.80 3.70
CA GLN A 71 16.25 4.37 3.39
C GLN A 71 14.81 3.96 3.09
N VAL A 72 13.88 4.43 3.92
CA VAL A 72 12.45 4.15 3.80
C VAL A 72 11.81 4.94 2.64
N TYR A 73 12.18 6.21 2.52
CA TYR A 73 11.80 7.03 1.36
C TYR A 73 12.15 6.37 0.02
N ARG A 74 13.37 5.86 -0.10
CA ARG A 74 13.84 5.30 -1.38
C ARG A 74 12.98 4.12 -1.88
N VAL A 75 12.59 3.24 -0.97
CA VAL A 75 11.72 2.10 -1.31
C VAL A 75 10.31 2.60 -1.62
N SER A 76 9.82 3.56 -0.82
CA SER A 76 8.51 4.16 -1.00
C SER A 76 8.40 4.98 -2.27
N PHE A 77 9.46 5.72 -2.59
CA PHE A 77 9.53 6.50 -3.82
C PHE A 77 9.33 5.62 -5.04
N THR A 78 10.02 4.49 -5.08
CA THR A 78 9.99 3.58 -6.22
C THR A 78 8.59 3.05 -6.51
N ARG A 79 7.91 2.60 -5.46
CA ARG A 79 6.59 1.98 -5.63
C ARG A 79 5.55 3.00 -6.06
N ASP A 80 5.61 4.19 -5.44
CA ASP A 80 4.70 5.29 -5.76
C ASP A 80 4.76 5.74 -7.22
N ILE A 81 5.97 5.88 -7.76
CA ILE A 81 6.15 6.19 -9.19
C ILE A 81 5.51 5.08 -10.02
N GLN A 82 5.86 3.83 -9.73
CA GLN A 82 5.29 2.66 -10.41
C GLN A 82 3.76 2.63 -10.34
N GLU A 83 3.21 3.10 -9.24
CA GLU A 83 1.77 3.18 -9.04
C GLU A 83 1.14 4.35 -9.77
N LEU A 84 1.85 5.48 -9.84
CA LEU A 84 1.41 6.63 -10.64
C LEU A 84 1.41 6.33 -12.16
N VAL A 85 2.30 5.46 -12.62
CA VAL A 85 2.28 5.04 -14.04
C VAL A 85 1.02 4.23 -14.34
N LYS A 86 0.59 3.38 -13.40
CA LYS A 86 -0.66 2.62 -13.55
C LYS A 86 -1.90 3.50 -13.52
N MET A 87 -1.81 4.58 -12.76
CA MET A 87 -2.92 5.50 -12.60
C MET A 87 -3.12 6.32 -13.87
N MET A 88 -2.02 6.72 -14.50
CA MET A 88 -2.09 7.50 -15.73
C MET A 88 -2.23 6.67 -17.00
N SER A 89 -1.70 5.43 -17.02
CA SER A 89 -1.71 4.61 -18.25
C SER A 89 -3.11 4.51 -18.87
N PRO A 90 -3.23 4.51 -20.20
CA PRO A 90 -2.11 4.41 -21.15
C PRO A 90 -1.42 5.73 -21.54
N LYS A 91 -1.79 6.84 -20.88
CA LYS A 91 -1.21 8.16 -21.13
C LYS A 91 0.32 8.14 -21.13
N GLU A 92 0.89 7.52 -20.10
CA GLU A 92 2.34 7.37 -19.97
C GLU A 92 2.70 5.92 -19.71
N ASP A 93 3.89 5.53 -20.16
CA ASP A 93 4.48 4.23 -19.89
C ASP A 93 6.02 4.27 -19.95
N TYR A 94 6.66 3.16 -19.57
CA TYR A 94 8.12 3.09 -19.40
C TYR A 94 8.82 3.07 -20.79
N PRO A 95 10.12 3.38 -20.91
CA PRO A 95 11.00 3.80 -19.81
C PRO A 95 10.75 5.24 -19.31
N ILE A 96 10.86 5.43 -17.99
CA ILE A 96 10.62 6.72 -17.34
C ILE A 96 11.88 7.12 -16.56
N GLU A 97 12.20 8.41 -16.63
CA GLU A 97 13.39 8.97 -16.00
C GLU A 97 13.02 10.17 -15.14
N ILE A 98 12.95 9.94 -13.84
CA ILE A 98 12.66 10.98 -12.87
C ILE A 98 13.95 11.44 -12.20
N GLN A 99 14.10 12.76 -12.04
CA GLN A 99 15.27 13.38 -11.41
C GLN A 99 14.81 14.40 -10.38
N LEU A 100 15.35 14.32 -9.16
CA LEU A 100 15.13 15.34 -8.12
C LEU A 100 16.36 16.19 -7.92
N SER A 101 16.16 17.45 -7.57
CA SER A 101 17.24 18.33 -7.12
C SER A 101 16.78 19.15 -5.93
N ALA A 102 17.31 18.85 -4.75
CA ALA A 102 16.85 19.42 -3.49
C ALA A 102 18.02 19.89 -2.66
N GLY A 103 17.74 20.79 -1.72
CA GLY A 103 18.77 21.36 -0.88
C GLY A 103 18.51 22.82 -0.65
N CYS A 104 19.53 23.54 -0.20
CA CYS A 104 19.41 24.95 0.15
C CYS A 104 20.68 25.71 -0.17
N GLU A 105 20.51 27.01 -0.44
CA GLU A 105 21.62 27.93 -0.67
C GLU A 105 21.82 28.78 0.58
N MET A 106 23.08 28.98 0.97
CA MET A 106 23.44 29.66 2.21
C MET A 106 23.94 31.07 1.95
N TYR A 107 23.30 32.04 2.61
CA TYR A 107 23.64 33.46 2.53
C TYR A 107 24.17 33.88 3.91
N PRO A 108 24.87 35.05 3.97
CA PRO A 108 25.44 35.46 5.27
C PRO A 108 24.38 35.80 6.33
N GLY A 109 24.78 35.64 7.60
CA GLY A 109 23.89 35.87 8.73
C GLY A 109 23.00 34.67 9.00
N ASN A 110 21.69 34.90 9.01
CA ASN A 110 20.70 33.85 9.24
C ASN A 110 20.18 33.22 7.95
N ALA A 111 20.44 33.86 6.80
CA ALA A 111 19.63 33.65 5.59
C ALA A 111 19.90 32.34 4.82
N SER A 112 18.81 31.77 4.28
CA SER A 112 18.85 30.64 3.35
C SER A 112 17.52 30.43 2.63
N GLU A 113 17.58 30.01 1.37
CA GLU A 113 16.41 29.53 0.63
C GLU A 113 16.55 28.04 0.41
N SER A 114 15.44 27.30 0.48
CA SER A 114 15.41 25.87 0.17
C SER A 114 14.64 25.61 -1.11
N PHE A 115 15.07 24.60 -1.87
CA PHE A 115 14.40 24.19 -3.11
C PHE A 115 14.20 22.69 -3.12
N LEU A 116 13.27 22.24 -3.95
CA LEU A 116 13.06 20.81 -4.25
C LEU A 116 12.37 20.75 -5.60
N HIS A 117 13.17 20.47 -6.64
CA HIS A 117 12.69 20.51 -8.01
C HIS A 117 12.75 19.11 -8.57
N VAL A 118 11.72 18.76 -9.33
CA VAL A 118 11.57 17.42 -9.89
C VAL A 118 11.48 17.55 -11.39
N ALA A 119 12.12 16.62 -12.11
CA ALA A 119 12.12 16.64 -13.57
C ALA A 119 11.71 15.29 -14.16
N PHE A 120 10.82 15.34 -15.15
CA PHE A 120 10.25 14.17 -15.78
C PHE A 120 10.76 14.07 -17.22
N GLN A 121 11.50 13.01 -17.52
CA GLN A 121 12.13 12.82 -18.84
C GLN A 121 13.03 14.00 -19.24
N GLY A 122 13.75 14.55 -18.27
CA GLY A 122 14.69 15.65 -18.50
C GLY A 122 14.10 17.05 -18.53
N LYS A 123 12.83 17.18 -18.15
CA LYS A 123 12.10 18.44 -18.23
C LYS A 123 11.56 18.77 -16.83
N TYR A 124 11.96 19.93 -16.30
CA TYR A 124 11.48 20.42 -15.00
C TYR A 124 9.96 20.59 -15.06
N VAL A 125 9.26 19.84 -14.22
CA VAL A 125 7.78 19.86 -14.21
C VAL A 125 7.11 20.12 -12.87
N VAL A 126 7.77 19.82 -11.75
CA VAL A 126 7.13 19.88 -10.43
C VAL A 126 8.14 20.37 -9.40
N ARG A 127 7.63 21.05 -8.38
CA ARG A 127 8.41 21.48 -7.23
C ARG A 127 7.60 21.42 -5.95
N PHE A 128 8.30 21.32 -4.82
CA PHE A 128 7.68 21.54 -3.53
C PHE A 128 7.87 23.00 -3.17
N TRP A 129 6.79 23.64 -2.76
CA TRP A 129 6.76 25.08 -2.50
C TRP A 129 5.68 25.39 -1.48
N GLY A 130 6.06 26.05 -0.40
CA GLY A 130 5.13 26.36 0.68
C GLY A 130 4.84 25.11 1.47
N THR A 131 3.63 24.57 1.29
CA THR A 131 3.16 23.38 2.01
C THR A 131 2.63 22.31 1.06
N SER A 132 3.07 22.33 -0.19
CA SER A 132 2.46 21.49 -1.23
C SER A 132 3.30 21.33 -2.49
N TRP A 133 3.01 20.25 -3.21
CA TRP A 133 3.57 20.01 -4.52
C TRP A 133 2.72 20.80 -5.50
N GLN A 134 3.38 21.43 -6.47
CA GLN A 134 2.69 22.12 -7.56
C GLN A 134 3.54 22.04 -8.82
N THR A 135 2.86 22.06 -9.97
CA THR A 135 3.56 22.07 -11.26
C THR A 135 4.13 23.46 -11.54
N VAL A 136 4.98 23.52 -12.55
CA VAL A 136 5.59 24.78 -13.00
C VAL A 136 4.99 25.14 -14.36
N PRO A 137 5.23 26.39 -14.83
CA PRO A 137 4.91 26.74 -16.22
C PRO A 137 5.59 25.82 -17.22
N GLY A 138 4.85 25.41 -18.26
CA GLY A 138 5.35 24.48 -19.27
C GLY A 138 4.93 23.04 -19.09
N ALA A 139 4.61 22.64 -17.86
CA ALA A 139 4.28 21.25 -17.52
C ALA A 139 2.97 20.82 -18.18
N PRO A 140 2.89 19.54 -18.60
CA PRO A 140 1.64 19.05 -19.17
C PRO A 140 0.57 18.93 -18.10
N SER A 141 -0.69 19.05 -18.51
CA SER A 141 -1.79 19.14 -17.56
C SER A 141 -2.23 17.79 -16.92
N TRP A 142 -1.72 16.66 -17.43
CA TRP A 142 -2.04 15.34 -16.84
C TRP A 142 -1.42 15.11 -15.47
N LEU A 143 -0.29 15.77 -15.19
CA LEU A 143 0.34 15.75 -13.87
C LEU A 143 -0.57 16.23 -12.74
N ASP A 144 -1.60 17.00 -13.07
CA ASP A 144 -2.60 17.47 -12.10
C ASP A 144 -3.15 16.38 -11.20
N LEU A 145 -3.34 15.16 -11.71
CA LEU A 145 -3.82 14.05 -10.88
C LEU A 145 -2.73 13.51 -9.91
N PRO A 146 -1.54 13.13 -10.43
CA PRO A 146 -0.39 12.86 -9.57
C PRO A 146 -0.14 13.90 -8.47
N ILE A 147 -0.19 15.18 -8.84
CA ILE A 147 -0.10 16.28 -7.87
C ILE A 147 -1.20 16.18 -6.83
N LYS A 148 -2.45 16.00 -7.27
CA LYS A 148 -3.59 15.88 -6.35
C LYS A 148 -3.41 14.73 -5.36
N VAL A 149 -2.86 13.61 -5.82
CA VAL A 149 -2.66 12.45 -4.96
C VAL A 149 -1.52 12.68 -3.97
N LEU A 150 -0.38 13.18 -4.45
CA LEU A 150 0.76 13.51 -3.58
C LEU A 150 0.42 14.52 -2.48
N ASN A 151 -0.46 15.48 -2.80
CA ASN A 151 -0.89 16.51 -1.83
C ASN A 151 -1.91 15.99 -0.83
N ALA A 152 -2.57 14.88 -1.13
CA ALA A 152 -3.40 14.18 -0.14
C ALA A 152 -2.59 13.62 1.02
N ASP A 153 -1.35 13.22 0.76
CA ASP A 153 -0.42 12.66 1.76
C ASP A 153 0.09 13.76 2.71
N GLN A 154 -0.72 14.06 3.72
CA GLN A 154 -0.43 15.13 4.67
C GLN A 154 0.77 14.86 5.57
N GLY A 155 1.07 13.58 5.79
CA GLY A 155 2.29 13.16 6.48
C GLY A 155 3.57 13.46 5.71
N THR A 156 3.57 13.19 4.40
CA THR A 156 4.73 13.50 3.53
C THR A 156 5.00 15.01 3.46
N SER A 157 3.93 15.81 3.44
CA SER A 157 4.08 17.27 3.33
C SER A 157 4.78 17.85 4.56
N ALA A 158 4.27 17.52 5.75
CA ALA A 158 4.83 17.96 7.03
C ALA A 158 6.32 17.63 7.17
N THR A 159 6.73 16.47 6.66
CA THR A 159 8.12 16.03 6.70
C THR A 159 8.99 16.84 5.75
N VAL A 160 8.56 16.93 4.48
CA VAL A 160 9.29 17.71 3.45
C VAL A 160 9.45 19.18 3.86
N GLN A 161 8.39 19.75 4.45
CA GLN A 161 8.46 21.10 5.03
C GLN A 161 9.54 21.21 6.10
N MET A 162 9.59 20.25 7.02
CA MET A 162 10.60 20.21 8.09
C MET A 162 12.02 20.03 7.54
N LEU A 163 12.17 19.21 6.49
CA LEU A 163 13.45 18.99 5.83
C LEU A 163 13.97 20.21 5.09
N LEU A 164 13.09 20.88 4.36
CA LEU A 164 13.47 22.10 3.64
C LEU A 164 13.68 23.29 4.59
N ASN A 165 12.74 23.51 5.51
CA ASN A 165 12.78 24.68 6.39
C ASN A 165 13.83 24.60 7.51
N ASP A 166 14.01 23.43 8.12
CA ASP A 166 14.85 23.29 9.33
C ASP A 166 16.09 22.41 9.13
N THR A 167 15.86 21.12 8.87
CA THR A 167 16.92 20.12 8.90
C THR A 167 18.06 20.40 7.93
N CYS A 168 17.71 20.81 6.72
CA CYS A 168 18.72 21.11 5.68
C CYS A 168 19.56 22.37 6.01
N PRO A 169 18.93 23.55 6.21
CA PRO A 169 19.76 24.73 6.52
C PRO A 169 20.59 24.59 7.79
N LEU A 170 20.07 23.93 8.82
CA LEU A 170 20.83 23.60 10.02
C LEU A 170 22.06 22.74 9.72
N PHE A 171 21.82 21.64 9.00
CA PHE A 171 22.85 20.67 8.63
C PHE A 171 23.98 21.29 7.83
N VAL A 172 23.64 22.17 6.87
CA VAL A 172 24.63 22.77 5.99
C VAL A 172 25.57 23.68 6.79
N ARG A 173 25.04 24.42 7.77
CA ARG A 173 25.90 25.20 8.67
C ARG A 173 26.91 24.32 9.40
N GLY A 174 26.46 23.13 9.80
CA GLY A 174 27.34 22.10 10.36
C GLY A 174 28.46 21.74 9.42
N LEU A 175 28.11 21.44 8.17
CA LEU A 175 29.11 21.11 7.14
C LEU A 175 30.10 22.24 6.88
N LEU A 176 29.60 23.47 6.77
CA LEU A 176 30.44 24.61 6.42
C LEU A 176 31.52 24.84 7.47
N GLU A 177 31.14 24.76 8.74
CA GLU A 177 32.09 24.84 9.84
C GLU A 177 33.02 23.61 9.87
N ALA A 178 32.42 22.43 9.73
CA ALA A 178 33.17 21.17 9.81
C ALA A 178 34.12 20.91 8.65
N GLY A 179 33.89 21.55 7.50
CA GLY A 179 34.75 21.36 6.32
C GLY A 179 35.34 22.66 5.81
N LYS A 180 35.81 23.49 6.74
CA LYS A 180 36.43 24.78 6.40
C LYS A 180 37.69 24.58 5.55
N SER A 181 38.61 23.75 6.04
CA SER A 181 39.93 23.61 5.42
C SER A 181 39.91 23.01 4.01
N ASP A 182 38.97 22.07 3.77
CA ASP A 182 38.76 21.50 2.43
C ASP A 182 38.10 22.50 1.46
N LEU A 183 37.11 23.25 1.96
CA LEU A 183 36.38 24.25 1.15
C LEU A 183 37.25 25.45 0.80
N GLU A 184 38.03 25.93 1.75
CA GLU A 184 38.91 27.09 1.56
C GLU A 184 40.30 26.70 1.04
N LYS A 185 40.47 25.47 0.55
CA LYS A 185 41.76 25.01 0.05
C LYS A 185 42.20 25.84 -1.16
N GLN A 186 43.52 25.97 -1.32
CA GLN A 186 44.15 26.68 -2.43
C GLN A 186 45.22 25.80 -3.08
N GLU A 187 44.93 25.30 -4.28
CA GLU A 187 45.86 24.47 -5.07
C GLU A 187 46.28 25.24 -6.32
N LYS A 188 47.55 25.10 -6.72
CA LYS A 188 48.10 25.88 -7.83
C LYS A 188 47.89 25.24 -9.20
N PRO A 189 47.63 26.06 -10.24
CA PRO A 189 47.62 25.53 -11.60
C PRO A 189 49.00 25.23 -12.12
N VAL A 190 49.06 24.33 -13.10
CA VAL A 190 50.24 24.10 -13.92
C VAL A 190 49.78 24.31 -15.35
N ALA A 191 50.60 24.98 -16.15
CA ALA A 191 50.23 25.30 -17.52
C ALA A 191 51.25 24.80 -18.53
N TRP A 192 50.80 24.61 -19.77
CA TRP A 192 51.68 24.23 -20.88
C TRP A 192 51.08 24.63 -22.23
N LEU A 193 51.94 24.75 -23.24
CA LEU A 193 51.52 25.21 -24.56
C LEU A 193 51.51 24.07 -25.59
N SER A 194 50.85 24.34 -26.72
CA SER A 194 50.69 23.37 -27.82
C SER A 194 49.97 24.02 -29.02
N SER A 195 49.81 23.28 -30.12
CA SER A 195 49.13 23.81 -31.32
C SER A 195 48.59 22.70 -32.23
N VAL A 196 47.72 23.09 -33.17
CA VAL A 196 47.03 22.15 -34.09
C VAL A 196 46.95 22.69 -35.52
N HIS A 203 46.11 28.85 -41.38
CA HIS A 203 45.96 29.27 -39.99
C HIS A 203 46.42 28.19 -39.00
N ARG A 204 46.83 28.64 -37.82
CA ARG A 204 47.18 27.76 -36.70
C ARG A 204 46.46 28.21 -35.43
N GLN A 205 46.10 27.23 -34.59
CA GLN A 205 45.41 27.47 -33.33
C GLN A 205 46.29 27.06 -32.15
N LEU A 206 46.89 28.04 -31.49
CA LEU A 206 47.68 27.81 -30.28
C LEU A 206 46.74 27.54 -29.11
N VAL A 207 47.20 26.73 -28.16
CA VAL A 207 46.38 26.30 -27.02
C VAL A 207 47.19 26.40 -25.74
N CYS A 208 46.63 27.11 -24.75
CA CYS A 208 47.23 27.24 -23.43
C CYS A 208 46.44 26.42 -22.41
N HIS A 209 47.01 25.30 -21.99
CA HIS A 209 46.35 24.38 -21.06
C HIS A 209 46.67 24.83 -19.65
N VAL A 210 45.69 24.74 -18.76
CA VAL A 210 45.87 25.03 -17.33
C VAL A 210 45.19 23.89 -16.56
N SER A 211 45.81 23.43 -15.47
CA SER A 211 45.28 22.27 -14.73
C SER A 211 45.82 22.15 -13.31
N GLY A 212 44.98 21.66 -12.41
CA GLY A 212 45.33 21.43 -11.00
C GLY A 212 44.91 22.52 -10.02
N PHE A 213 44.16 23.52 -10.50
CA PHE A 213 43.82 24.70 -9.70
C PHE A 213 42.48 24.61 -8.96
N TYR A 214 42.45 25.17 -7.75
CA TYR A 214 41.24 25.26 -6.95
C TYR A 214 41.35 26.51 -6.04
N PRO A 215 40.29 27.32 -5.89
CA PRO A 215 38.94 27.08 -6.40
C PRO A 215 38.76 27.42 -7.90
N LYS A 216 37.50 27.39 -8.34
CA LYS A 216 37.17 27.50 -9.77
C LYS A 216 37.58 28.80 -10.48
N PRO A 217 37.46 29.98 -9.81
CA PRO A 217 37.77 31.23 -10.54
C PRO A 217 39.25 31.36 -10.96
N VAL A 218 39.47 31.69 -12.24
CA VAL A 218 40.81 31.80 -12.83
C VAL A 218 40.79 32.73 -14.04
N TRP A 219 41.92 33.38 -14.31
CA TRP A 219 42.06 34.30 -15.45
C TRP A 219 43.14 33.81 -16.41
N VAL A 220 42.79 33.66 -17.70
CA VAL A 220 43.69 33.08 -18.71
C VAL A 220 43.62 33.86 -20.02
N MET A 221 44.72 34.48 -20.42
CA MET A 221 44.78 35.27 -21.64
C MET A 221 46.06 35.04 -22.43
N TRP A 222 45.95 35.15 -23.75
CA TRP A 222 47.14 35.28 -24.60
C TRP A 222 47.54 36.75 -24.64
N MET A 223 48.86 36.98 -24.70
CA MET A 223 49.45 38.30 -24.57
C MET A 223 50.55 38.49 -25.62
N ARG A 224 50.68 39.72 -26.11
CA ARG A 224 51.93 40.18 -26.72
C ARG A 224 52.32 41.46 -26.00
N GLY A 225 53.36 41.37 -25.16
CA GLY A 225 53.76 42.46 -24.28
C GLY A 225 52.74 42.65 -23.17
N ASP A 226 52.21 43.86 -23.06
CA ASP A 226 51.14 44.19 -22.11
C ASP A 226 49.76 44.25 -22.79
N GLN A 227 49.65 43.70 -24.00
CA GLN A 227 48.47 43.89 -24.85
C GLN A 227 47.67 42.58 -24.96
N GLU A 228 46.51 42.57 -24.30
CA GLU A 228 45.61 41.41 -24.26
C GLU A 228 45.08 41.06 -25.65
N GLN A 229 45.41 39.86 -26.14
CA GLN A 229 44.88 39.39 -27.43
C GLN A 229 43.39 39.09 -27.27
N GLN A 230 42.54 39.98 -27.78
CA GLN A 230 41.08 39.80 -27.65
C GLN A 230 40.48 38.74 -28.60
N GLY A 231 41.31 38.06 -29.38
CA GLY A 231 40.89 36.83 -30.08
C GLY A 231 40.82 35.57 -29.22
N THR A 232 41.38 35.62 -28.00
CA THR A 232 41.39 34.47 -27.08
C THR A 232 40.01 33.87 -26.88
N HIS A 233 39.84 32.60 -27.26
CA HIS A 233 38.64 31.83 -26.95
C HIS A 233 38.90 30.95 -25.72
N ARG A 234 38.22 31.31 -24.63
CA ARG A 234 38.19 30.53 -23.40
C ARG A 234 37.31 29.28 -23.58
N GLY A 235 37.78 28.14 -23.08
CA GLY A 235 37.01 26.89 -23.10
C GLY A 235 36.17 26.73 -21.85
N ASP A 236 35.67 25.52 -21.62
CA ASP A 236 34.88 25.21 -20.42
C ASP A 236 35.74 24.70 -19.28
N PHE A 237 35.20 24.78 -18.07
CA PHE A 237 35.81 24.16 -16.91
C PHE A 237 35.57 22.64 -16.95
N LEU A 238 36.64 21.86 -17.07
CA LEU A 238 36.57 20.39 -17.06
C LEU A 238 37.20 19.89 -15.76
N PRO A 239 36.55 18.94 -15.06
CA PRO A 239 37.08 18.45 -13.77
C PRO A 239 38.19 17.40 -13.89
N ASN A 240 39.18 17.48 -13.01
CA ASN A 240 40.17 16.41 -12.80
C ASN A 240 39.66 15.51 -11.67
N ALA A 241 40.12 14.26 -11.66
CA ALA A 241 39.71 13.24 -10.66
C ALA A 241 40.00 13.63 -9.20
N ASP A 242 41.10 14.35 -8.98
CA ASP A 242 41.53 14.78 -7.64
C ASP A 242 40.80 16.01 -7.07
N GLU A 243 39.62 16.35 -7.62
CA GLU A 243 38.84 17.52 -7.22
C GLU A 243 39.57 18.84 -7.43
N THR A 244 40.18 18.97 -8.61
CA THR A 244 40.73 20.23 -9.10
C THR A 244 40.03 20.50 -10.44
N TRP A 245 40.48 21.51 -11.18
CA TRP A 245 39.86 21.87 -12.47
C TRP A 245 40.87 21.97 -13.61
N TYR A 246 40.33 22.03 -14.83
CA TYR A 246 41.09 22.13 -16.06
C TYR A 246 40.43 23.18 -16.93
N LEU A 247 41.21 23.87 -17.75
CA LEU A 247 40.69 24.92 -18.61
C LEU A 247 41.74 25.28 -19.66
N GLN A 248 41.32 25.37 -20.91
CA GLN A 248 42.20 25.77 -21.99
C GLN A 248 41.68 26.98 -22.74
N ALA A 249 42.60 27.88 -23.07
CA ALA A 249 42.32 29.05 -23.89
C ALA A 249 43.04 28.88 -25.23
N THR A 250 42.32 29.11 -26.33
CA THR A 250 42.88 28.98 -27.69
C THR A 250 42.89 30.34 -28.39
N LEU A 251 43.88 30.54 -29.28
CA LEU A 251 43.99 31.76 -30.10
C LEU A 251 44.41 31.40 -31.51
N ASP A 252 43.63 31.85 -32.50
CA ASP A 252 43.99 31.67 -33.92
C ASP A 252 45.02 32.69 -34.35
N VAL A 253 46.00 32.24 -35.14
CA VAL A 253 47.12 33.08 -35.59
C VAL A 253 47.62 32.70 -36.99
N GLU A 254 48.32 33.62 -37.62
CA GLU A 254 48.98 33.38 -38.91
C GLU A 254 50.21 32.50 -38.69
N ALA A 255 50.48 31.59 -39.62
CA ALA A 255 51.66 30.74 -39.54
C ALA A 255 52.93 31.60 -39.52
N GLY A 256 53.84 31.29 -38.59
CA GLY A 256 55.03 32.10 -38.36
C GLY A 256 54.78 33.44 -37.68
N GLU A 257 53.68 33.55 -36.92
CA GLU A 257 53.36 34.75 -36.12
C GLU A 257 53.30 34.42 -34.61
N GLU A 258 53.89 33.28 -34.24
CA GLU A 258 53.85 32.79 -32.87
C GLU A 258 54.89 33.47 -31.97
N ALA A 259 55.89 34.11 -32.57
CA ALA A 259 56.90 34.86 -31.83
C ALA A 259 56.27 36.02 -31.06
N GLY A 260 56.73 36.23 -29.83
CA GLY A 260 56.23 37.29 -28.95
C GLY A 260 55.00 36.96 -28.11
N LEU A 261 54.39 35.80 -28.36
CA LEU A 261 53.13 35.43 -27.70
C LEU A 261 53.38 34.68 -26.41
N ALA A 262 52.62 35.06 -25.39
CA ALA A 262 52.76 34.49 -24.05
C ALA A 262 51.38 34.20 -23.47
N CYS A 263 51.29 33.15 -22.66
CA CYS A 263 50.07 32.85 -21.95
C CYS A 263 50.23 33.27 -20.50
N ARG A 264 49.41 34.23 -20.07
CA ARG A 264 49.40 34.71 -18.68
C ARG A 264 48.22 34.10 -17.93
N VAL A 265 48.48 33.65 -16.70
CA VAL A 265 47.49 33.01 -15.84
C VAL A 265 47.53 33.64 -14.45
N LYS A 266 46.38 34.15 -13.99
CA LYS A 266 46.20 34.60 -12.61
C LYS A 266 45.30 33.62 -11.86
N HIS A 267 45.66 33.33 -10.61
CA HIS A 267 44.82 32.51 -9.73
C HIS A 267 45.16 32.82 -8.28
N SER A 268 44.15 32.73 -7.40
CA SER A 268 44.30 33.05 -5.97
C SER A 268 45.35 32.21 -5.21
N SER A 269 45.69 31.05 -5.75
CA SER A 269 46.76 30.20 -5.20
C SER A 269 48.17 30.78 -5.36
N LEU A 270 48.38 31.57 -6.40
CA LEU A 270 49.73 32.04 -6.79
C LEU A 270 50.21 33.27 -6.02
N GLY A 271 49.29 34.14 -5.60
CA GLY A 271 49.58 35.31 -4.77
C GLY A 271 50.56 36.28 -5.43
N GLY A 272 50.07 37.06 -6.39
CA GLY A 272 50.90 38.05 -7.07
C GLY A 272 51.71 37.50 -8.23
N GLN A 273 52.56 36.51 -7.94
CA GLN A 273 53.45 35.91 -8.94
C GLN A 273 52.68 35.07 -9.96
N ASP A 274 52.35 35.68 -11.09
CA ASP A 274 51.58 35.02 -12.14
C ASP A 274 52.45 34.11 -13.00
N ILE A 275 51.82 33.07 -13.54
CA ILE A 275 52.45 32.16 -14.50
C ILE A 275 52.45 32.85 -15.86
N ILE A 276 53.62 32.94 -16.49
CA ILE A 276 53.75 33.40 -17.86
C ILE A 276 54.57 32.37 -18.66
N LEU A 277 53.97 31.82 -19.72
CA LEU A 277 54.67 30.93 -20.64
C LEU A 277 54.84 31.62 -21.98
N TYR A 278 56.09 31.71 -22.45
CA TYR A 278 56.40 32.31 -23.76
C TYR A 278 56.56 31.23 -24.83
N TRP A 279 56.29 31.59 -26.07
CA TRP A 279 56.50 30.69 -27.21
C TRP A 279 57.92 30.87 -27.75
N GLN B 2 15.64 12.88 -26.01
CA GLN B 2 16.99 12.26 -26.22
C GLN B 2 18.05 13.31 -26.60
N LYS B 3 19.27 13.13 -26.09
CA LYS B 3 20.36 14.09 -26.32
C LYS B 3 21.69 13.38 -26.58
N THR B 4 22.50 13.97 -27.46
CA THR B 4 23.81 13.43 -27.85
C THR B 4 24.89 13.75 -26.79
N PRO B 5 25.79 12.78 -26.50
CA PRO B 5 26.93 13.08 -25.63
C PRO B 5 28.07 13.82 -26.32
N GLN B 6 28.62 14.82 -25.64
CA GLN B 6 29.86 15.48 -26.05
C GLN B 6 31.01 14.89 -25.24
N ILE B 7 32.11 14.54 -25.92
CA ILE B 7 33.25 13.87 -25.29
C ILE B 7 34.49 14.77 -25.36
N GLN B 8 35.27 14.77 -24.27
CA GLN B 8 36.47 15.60 -24.15
C GLN B 8 37.60 14.83 -23.44
N VAL B 9 38.69 14.58 -24.17
CA VAL B 9 39.84 13.83 -23.64
C VAL B 9 40.96 14.82 -23.31
N TYR B 10 41.51 14.70 -22.11
CA TYR B 10 42.55 15.61 -21.62
C TYR B 10 43.36 15.00 -20.47
N SER B 11 44.62 15.40 -20.34
CA SER B 11 45.52 14.85 -19.32
C SER B 11 45.62 15.77 -18.11
N ARG B 12 45.84 15.15 -16.95
CA ARG B 12 45.95 15.86 -15.67
C ARG B 12 47.18 16.78 -15.63
N HIS B 13 48.33 16.18 -15.95
CA HIS B 13 49.64 16.85 -15.92
C HIS B 13 50.13 17.05 -17.35
N PRO B 14 51.16 17.91 -17.56
CA PRO B 14 51.65 18.16 -18.93
C PRO B 14 52.32 16.95 -19.58
N PRO B 15 52.02 16.67 -20.86
CA PRO B 15 52.41 15.42 -21.47
C PRO B 15 53.90 15.35 -21.86
N GLU B 16 54.63 14.45 -21.20
CA GLU B 16 56.03 14.16 -21.53
C GLU B 16 56.14 12.65 -21.78
N ASN B 17 56.70 12.29 -22.94
CA ASN B 17 56.88 10.88 -23.30
C ASN B 17 57.71 10.13 -22.26
N GLY B 18 57.22 8.96 -21.83
CA GLY B 18 57.89 8.14 -20.82
C GLY B 18 57.47 8.40 -19.39
N LYS B 19 57.13 9.67 -19.08
CA LYS B 19 56.69 10.07 -17.74
C LYS B 19 55.22 9.65 -17.50
N PRO B 20 54.94 8.96 -16.35
CA PRO B 20 53.56 8.65 -15.92
C PRO B 20 52.63 9.86 -15.75
N ASN B 21 51.33 9.61 -15.83
CA ASN B 21 50.33 10.67 -15.95
C ASN B 21 48.92 10.07 -15.69
N ILE B 22 47.87 10.87 -15.85
CA ILE B 22 46.48 10.40 -15.84
C ILE B 22 45.75 11.01 -17.04
N LEU B 23 45.00 10.18 -17.76
CA LEU B 23 44.20 10.59 -18.91
C LEU B 23 42.73 10.63 -18.52
N ASN B 24 42.13 11.81 -18.55
CA ASN B 24 40.72 12.00 -18.23
C ASN B 24 39.90 11.93 -19.51
N CYS B 25 38.69 11.38 -19.42
CA CYS B 25 37.68 11.46 -20.47
C CYS B 25 36.39 11.95 -19.83
N TYR B 26 35.86 13.06 -20.34
CA TYR B 26 34.71 13.73 -19.75
C TYR B 26 33.52 13.69 -20.72
N VAL B 27 32.44 13.03 -20.30
CA VAL B 27 31.26 12.80 -21.13
C VAL B 27 30.10 13.58 -20.54
N THR B 28 29.41 14.38 -21.36
CA THR B 28 28.42 15.37 -20.88
C THR B 28 27.20 15.57 -21.78
N GLN B 29 26.20 16.24 -21.21
CA GLN B 29 25.00 16.70 -21.94
C GLN B 29 24.18 15.59 -22.61
N PHE B 30 24.12 14.42 -21.97
CA PHE B 30 23.40 13.26 -22.55
C PHE B 30 22.16 12.86 -21.76
N HIS B 31 21.25 12.16 -22.43
CA HIS B 31 20.00 11.68 -21.84
C HIS B 31 19.43 10.59 -22.76
N PRO B 32 19.06 9.41 -22.27
CA PRO B 32 19.01 9.00 -20.85
C PRO B 32 20.37 8.67 -20.22
N PRO B 33 20.41 8.41 -18.89
CA PRO B 33 21.71 8.19 -18.21
C PRO B 33 22.40 6.85 -18.44
N HIS B 34 21.73 5.87 -19.06
CA HIS B 34 22.39 4.60 -19.40
C HIS B 34 23.40 4.83 -20.52
N ILE B 35 24.67 4.55 -20.24
CA ILE B 35 25.76 4.77 -21.19
C ILE B 35 26.89 3.76 -20.93
N GLU B 36 27.60 3.40 -21.99
CA GLU B 36 28.76 2.53 -21.88
C GLU B 36 29.97 3.36 -22.30
N ILE B 37 31.02 3.36 -21.47
CA ILE B 37 32.23 4.12 -21.72
C ILE B 37 33.44 3.18 -21.63
N GLN B 38 34.35 3.30 -22.60
CA GLN B 38 35.60 2.56 -22.61
C GLN B 38 36.72 3.50 -22.99
N MET B 39 37.83 3.42 -22.27
CA MET B 39 39.05 4.15 -22.62
C MET B 39 39.98 3.18 -23.32
N LEU B 40 40.44 3.54 -24.51
CA LEU B 40 41.21 2.66 -25.37
C LEU B 40 42.66 3.09 -25.46
N LYS B 41 43.55 2.10 -25.65
CA LYS B 41 44.93 2.30 -26.02
C LYS B 41 45.19 1.46 -27.26
N ASN B 42 45.62 2.10 -28.35
CA ASN B 42 45.91 1.43 -29.63
C ASN B 42 44.76 0.58 -30.18
N GLY B 43 43.52 0.93 -29.82
CA GLY B 43 42.36 0.10 -30.13
C GLY B 43 41.91 -0.82 -29.00
N LYS B 44 42.86 -1.46 -28.32
CA LYS B 44 42.54 -2.39 -27.20
C LYS B 44 41.96 -1.64 -25.99
N LYS B 45 41.03 -2.28 -25.29
CA LYS B 45 40.37 -1.69 -24.13
C LYS B 45 41.31 -1.73 -22.93
N ILE B 46 41.47 -0.58 -22.27
CA ILE B 46 42.31 -0.47 -21.07
C ILE B 46 41.59 -1.17 -19.90
N PRO B 47 42.31 -2.04 -19.15
CA PRO B 47 41.67 -2.88 -18.12
C PRO B 47 41.14 -2.16 -16.86
N LYS B 48 41.98 -1.44 -16.14
CA LYS B 48 41.62 -0.86 -14.82
C LYS B 48 41.26 0.63 -14.94
N VAL B 49 40.02 0.91 -15.36
CA VAL B 49 39.52 2.28 -15.55
C VAL B 49 38.65 2.71 -14.37
N GLU B 50 38.90 3.92 -13.89
CA GLU B 50 38.20 4.51 -12.74
C GLU B 50 37.07 5.38 -13.26
N MET B 51 35.90 5.28 -12.62
CA MET B 51 34.73 6.05 -13.03
C MET B 51 34.20 6.85 -11.84
N SER B 52 33.99 8.15 -12.04
CA SER B 52 33.32 8.99 -11.04
C SER B 52 31.85 8.60 -10.97
N ASP B 53 31.19 9.02 -9.90
CA ASP B 53 29.74 8.83 -9.78
C ASP B 53 29.05 9.70 -10.83
N MET B 54 27.91 9.24 -11.32
CA MET B 54 27.14 10.05 -12.26
C MET B 54 26.44 11.18 -11.51
N SER B 55 26.20 12.27 -12.23
CA SER B 55 25.52 13.43 -11.71
C SER B 55 24.87 14.15 -12.89
N PHE B 56 24.27 15.32 -12.64
CA PHE B 56 23.76 16.16 -13.74
C PHE B 56 23.84 17.66 -13.47
N SER B 57 23.77 18.44 -14.54
CA SER B 57 23.94 19.90 -14.49
C SER B 57 22.62 20.61 -14.24
N LYS B 58 22.66 21.95 -14.22
CA LYS B 58 21.45 22.76 -14.01
C LYS B 58 20.35 22.52 -15.05
N ASP B 59 20.72 22.17 -16.27
CA ASP B 59 19.74 21.79 -17.32
C ASP B 59 19.40 20.27 -17.34
N TRP B 60 19.51 19.59 -16.20
CA TRP B 60 19.09 18.18 -16.02
C TRP B 60 19.75 17.15 -16.94
N SER B 61 20.86 17.52 -17.58
CA SER B 61 21.57 16.65 -18.51
C SER B 61 22.75 16.08 -17.77
N PHE B 62 23.06 14.81 -18.04
CA PHE B 62 24.00 14.04 -17.22
C PHE B 62 25.46 14.30 -17.58
N TYR B 63 26.35 14.04 -16.62
CA TYR B 63 27.79 14.04 -16.88
C TYR B 63 28.52 13.02 -16.01
N ILE B 64 29.72 12.64 -16.46
CA ILE B 64 30.53 11.62 -15.80
C ILE B 64 31.98 11.70 -16.27
N LEU B 65 32.90 11.37 -15.38
CA LEU B 65 34.34 11.46 -15.64
C LEU B 65 35.01 10.10 -15.52
N ALA B 66 35.37 9.52 -16.66
CA ALA B 66 36.28 8.38 -16.67
C ALA B 66 37.72 8.88 -16.60
N HIS B 67 38.58 8.17 -15.88
CA HIS B 67 40.02 8.45 -15.87
C HIS B 67 40.86 7.19 -15.67
N THR B 68 42.11 7.25 -16.11
CA THR B 68 43.02 6.10 -16.01
C THR B 68 44.48 6.57 -16.10
N GLU B 69 45.38 5.89 -15.39
CA GLU B 69 46.81 6.14 -15.50
C GLU B 69 47.29 5.76 -16.89
N PHE B 70 48.21 6.54 -17.42
CA PHE B 70 48.77 6.26 -18.74
C PHE B 70 50.14 6.90 -18.84
N THR B 71 50.97 6.34 -19.71
CA THR B 71 52.31 6.84 -19.95
C THR B 71 52.44 7.13 -21.45
N PRO B 72 52.26 8.40 -21.86
CA PRO B 72 52.27 8.70 -23.30
C PRO B 72 53.61 8.37 -23.96
N THR B 73 53.57 7.92 -25.21
CA THR B 73 54.77 7.59 -25.97
C THR B 73 54.72 8.26 -27.34
N GLU B 74 55.81 8.12 -28.08
CA GLU B 74 55.85 8.51 -29.48
C GLU B 74 54.78 7.73 -30.27
N THR B 75 54.77 6.41 -30.06
CA THR B 75 54.04 5.47 -30.91
C THR B 75 52.55 5.25 -30.53
N ASP B 76 52.27 5.15 -29.23
CA ASP B 76 50.93 4.75 -28.75
C ASP B 76 49.89 5.88 -28.84
N THR B 77 48.70 5.57 -29.36
CA THR B 77 47.56 6.50 -29.37
C THR B 77 46.49 6.03 -28.38
N TYR B 78 45.83 6.99 -27.74
CA TYR B 78 44.79 6.72 -26.76
C TYR B 78 43.46 7.32 -27.23
N ALA B 79 42.36 6.78 -26.71
CA ALA B 79 41.03 7.22 -27.11
C ALA B 79 39.96 6.91 -26.07
N CYS B 80 38.78 7.51 -26.28
CA CYS B 80 37.60 7.29 -25.44
C CYS B 80 36.44 6.95 -26.36
N ARG B 81 35.90 5.74 -26.21
CA ARG B 81 34.77 5.24 -26.99
C ARG B 81 33.49 5.26 -26.16
N VAL B 82 32.39 5.71 -26.77
CA VAL B 82 31.11 5.92 -26.07
C VAL B 82 29.94 5.36 -26.88
N LYS B 83 29.20 4.40 -26.29
CA LYS B 83 27.95 3.91 -26.88
C LYS B 83 26.77 4.50 -26.11
N HIS B 84 25.75 4.90 -26.85
CA HIS B 84 24.55 5.54 -26.29
C HIS B 84 23.35 5.25 -27.18
N ALA B 85 22.17 5.26 -26.57
CA ALA B 85 20.91 5.07 -27.31
C ALA B 85 20.68 6.14 -28.38
N SER B 86 21.16 7.36 -28.12
CA SER B 86 21.01 8.49 -29.04
C SER B 86 21.77 8.33 -30.35
N MET B 87 22.88 7.58 -30.32
CA MET B 87 23.76 7.44 -31.47
C MET B 87 23.52 6.09 -32.15
N ALA B 88 23.76 6.07 -33.47
CA ALA B 88 23.58 4.84 -34.27
C ALA B 88 24.69 3.84 -33.96
N GLU B 89 25.94 4.26 -34.09
CA GLU B 89 27.10 3.44 -33.72
C GLU B 89 27.98 4.20 -32.70
N PRO B 90 28.87 3.48 -31.98
CA PRO B 90 29.80 4.09 -31.02
C PRO B 90 30.63 5.25 -31.57
N LYS B 91 30.74 6.33 -30.79
CA LYS B 91 31.57 7.50 -31.13
C LYS B 91 32.89 7.43 -30.41
N THR B 92 33.98 7.65 -31.16
CA THR B 92 35.34 7.57 -30.65
C THR B 92 36.04 8.91 -30.89
N VAL B 93 36.43 9.60 -29.82
CA VAL B 93 37.32 10.77 -29.95
C VAL B 93 38.72 10.35 -29.48
N TYR B 94 39.73 10.72 -30.27
CA TYR B 94 41.12 10.36 -29.99
C TYR B 94 41.81 11.49 -29.23
N TRP B 95 42.67 11.12 -28.29
CA TRP B 95 43.45 12.10 -27.53
C TRP B 95 44.32 12.92 -28.50
N ASP B 96 44.35 14.23 -28.29
CA ASP B 96 44.91 15.19 -29.25
C ASP B 96 46.46 15.24 -29.25
N ARG B 97 47.10 14.64 -28.23
CA ARG B 97 48.56 14.77 -27.95
C ARG B 97 48.97 16.12 -27.35
N ASP B 98 48.07 17.10 -27.43
CA ASP B 98 48.25 18.44 -26.86
C ASP B 98 47.53 18.56 -25.50
N MET B 99 46.25 18.17 -25.49
CA MET B 99 45.40 18.24 -24.28
C MET B 99 45.92 17.40 -23.11
N THR C 3 3.11 -12.13 6.26
CA THR C 3 2.15 -11.80 7.37
C THR C 3 2.72 -10.70 8.29
N GLN C 4 2.45 -9.45 7.91
CA GLN C 4 3.05 -8.29 8.58
C GLN C 4 2.17 -7.66 9.66
N VAL C 5 1.01 -8.28 9.97
CA VAL C 5 0.12 -7.82 11.04
C VAL C 5 -0.37 -9.01 11.87
N GLU C 6 -0.04 -9.03 13.15
CA GLU C 6 -0.39 -10.13 14.06
C GLU C 6 -1.34 -9.62 15.13
N GLN C 7 -2.36 -10.42 15.44
CA GLN C 7 -3.31 -10.08 16.49
C GLN C 7 -3.33 -11.13 17.58
N SER C 8 -3.67 -10.68 18.79
CA SER C 8 -3.69 -11.49 19.99
C SER C 8 -4.78 -10.94 20.96
N PRO C 9 -5.54 -11.79 21.65
CA PRO C 9 -5.56 -13.25 21.46
C PRO C 9 -6.23 -13.65 20.14
N GLN C 10 -6.15 -14.93 19.79
CA GLN C 10 -6.84 -15.44 18.61
C GLN C 10 -8.34 -15.42 18.86
N SER C 11 -8.75 -15.82 20.06
CA SER C 11 -10.12 -15.71 20.51
C SER C 11 -10.21 -15.54 22.02
N LEU C 12 -11.37 -15.11 22.50
CA LEU C 12 -11.61 -15.02 23.93
C LEU C 12 -13.09 -14.98 24.26
N VAL C 13 -13.43 -15.56 25.41
CA VAL C 13 -14.79 -15.57 25.94
C VAL C 13 -14.81 -14.70 27.20
N VAL C 14 -15.79 -13.79 27.31
CA VAL C 14 -15.93 -12.93 28.50
C VAL C 14 -17.40 -12.75 28.91
N ARG C 15 -17.63 -12.67 30.21
CA ARG C 15 -18.98 -12.40 30.73
C ARG C 15 -19.35 -10.95 30.46
N GLN C 16 -20.62 -10.74 30.12
CA GLN C 16 -21.16 -9.41 29.88
C GLN C 16 -20.92 -8.51 31.09
N GLY C 17 -20.35 -7.33 30.84
CA GLY C 17 -19.99 -6.40 31.89
C GLY C 17 -18.50 -6.27 32.07
N GLU C 18 -17.77 -7.37 31.89
CA GLU C 18 -16.30 -7.35 31.98
C GLU C 18 -15.70 -6.50 30.86
N ASN C 19 -14.47 -6.03 31.09
CA ASN C 19 -13.67 -5.38 30.04
C ASN C 19 -12.77 -6.40 29.34
N CYS C 20 -12.13 -5.96 28.26
CA CYS C 20 -11.12 -6.77 27.58
C CYS C 20 -10.25 -5.91 26.70
N VAL C 21 -8.98 -6.30 26.57
CA VAL C 21 -8.02 -5.56 25.76
C VAL C 21 -7.59 -6.47 24.62
N LEU C 22 -7.67 -5.95 23.40
CA LEU C 22 -7.24 -6.69 22.21
C LEU C 22 -5.91 -6.12 21.72
N GLN C 23 -5.00 -6.99 21.27
CA GLN C 23 -3.66 -6.58 20.86
C GLN C 23 -3.54 -6.60 19.34
N CYS C 24 -2.60 -5.81 18.84
CA CYS C 24 -2.22 -5.83 17.42
C CYS C 24 -0.80 -5.31 17.25
N ASN C 25 0.09 -6.19 16.81
CA ASN C 25 1.49 -5.84 16.55
C ASN C 25 1.77 -6.05 15.07
N TYR C 26 2.57 -5.17 14.48
CA TYR C 26 2.86 -5.21 13.04
C TYR C 26 4.32 -4.89 12.71
N SER C 27 4.76 -5.38 11.55
CA SER C 27 6.10 -5.09 11.01
C SER C 27 6.04 -4.19 9.75
N VAL C 28 4.86 -3.70 9.41
CA VAL C 28 4.63 -2.90 8.19
C VAL C 28 5.48 -1.61 8.19
N THR C 29 6.09 -1.29 7.04
CA THR C 29 6.91 -0.09 6.89
C THR C 29 6.65 0.59 5.53
N PRO C 30 6.28 1.88 5.48
CA PRO C 30 6.00 2.72 6.66
C PRO C 30 4.59 2.47 7.23
N ASP C 31 4.29 3.15 8.33
CA ASP C 31 3.00 3.03 9.03
C ASP C 31 2.30 4.40 9.14
N ASN C 32 1.44 4.70 8.17
CA ASN C 32 0.69 5.95 8.18
C ASN C 32 -0.42 5.94 9.22
N HIS C 33 -1.24 4.89 9.21
CA HIS C 33 -2.40 4.82 10.10
C HIS C 33 -2.83 3.39 10.37
N LEU C 34 -3.57 3.22 11.47
CA LEU C 34 -4.04 1.92 11.92
C LEU C 34 -5.54 2.04 12.20
N ARG C 35 -6.30 1.11 11.64
CA ARG C 35 -7.75 1.11 11.76
C ARG C 35 -8.22 -0.16 12.49
N TRP C 36 -9.21 -0.01 13.37
CA TRP C 36 -9.89 -1.16 13.97
C TRP C 36 -11.29 -1.30 13.36
N PHE C 37 -11.55 -2.46 12.78
CA PHE C 37 -12.88 -2.79 12.24
C PHE C 37 -13.61 -3.73 13.20
N LYS C 38 -14.94 -3.84 13.00
CA LYS C 38 -15.80 -4.77 13.76
C LYS C 38 -16.67 -5.53 12.77
N GLN C 39 -16.51 -6.85 12.73
CA GLN C 39 -17.29 -7.72 11.85
C GLN C 39 -18.22 -8.62 12.67
N ASP C 40 -19.54 -8.34 12.60
CA ASP C 40 -20.57 -9.25 13.14
C ASP C 40 -20.61 -10.52 12.31
N THR C 41 -21.01 -11.64 12.92
CA THR C 41 -21.11 -12.92 12.21
C THR C 41 -22.11 -12.76 11.06
N GLY C 42 -21.62 -12.96 9.85
CA GLY C 42 -22.41 -12.80 8.64
C GLY C 42 -22.23 -11.46 7.94
N LYS C 43 -22.16 -10.38 8.71
CA LYS C 43 -22.17 -9.03 8.15
C LYS C 43 -20.76 -8.62 7.67
N GLY C 44 -20.59 -7.34 7.33
CA GLY C 44 -19.32 -6.80 6.85
C GLY C 44 -18.69 -5.86 7.86
N LEU C 45 -17.82 -4.98 7.36
CA LEU C 45 -16.83 -4.28 8.18
C LEU C 45 -17.30 -2.90 8.66
N VAL C 46 -17.61 -2.78 9.95
CA VAL C 46 -17.92 -1.49 10.59
C VAL C 46 -16.66 -0.89 11.20
N SER C 47 -16.31 0.34 10.83
CA SER C 47 -15.11 1.01 11.39
C SER C 47 -15.36 1.51 12.83
N LEU C 48 -14.37 1.35 13.70
CA LEU C 48 -14.45 1.84 15.09
C LEU C 48 -13.61 3.09 15.34
N THR C 49 -12.39 3.11 14.81
CA THR C 49 -11.49 4.25 14.96
C THR C 49 -10.32 4.13 14.00
N VAL C 50 -9.61 5.24 13.79
CA VAL C 50 -8.40 5.29 12.98
C VAL C 50 -7.37 6.14 13.70
N LEU C 51 -6.23 5.54 14.04
CA LEU C 51 -5.15 6.21 14.75
C LEU C 51 -4.08 6.57 13.73
N VAL C 52 -3.58 7.81 13.77
CA VAL C 52 -2.64 8.32 12.74
C VAL C 52 -1.29 8.92 13.21
N ASP C 53 -1.08 9.03 14.52
CA ASP C 53 0.12 9.69 15.07
C ASP C 53 1.12 8.72 15.72
N GLN C 54 2.31 9.25 16.00
CA GLN C 54 3.43 8.47 16.56
C GLN C 54 3.06 7.83 17.89
N LYS C 55 2.39 8.63 18.73
CA LYS C 55 1.77 8.19 19.98
C LYS C 55 0.34 8.73 20.00
N ASP C 56 -0.63 7.93 19.53
CA ASP C 56 -2.01 8.39 19.36
C ASP C 56 -2.97 7.64 20.28
N LYS C 57 -4.07 8.31 20.63
CA LYS C 57 -5.13 7.75 21.48
C LYS C 57 -6.48 8.20 20.96
N THR C 58 -7.49 7.35 21.06
CA THR C 58 -8.85 7.68 20.62
C THR C 58 -9.90 7.06 21.51
N SER C 59 -11.13 7.50 21.31
CA SER C 59 -12.30 6.89 21.93
C SER C 59 -13.51 6.99 21.01
N ASN C 60 -14.49 6.14 21.29
CA ASN C 60 -15.70 6.05 20.49
C ASN C 60 -16.74 5.40 21.39
N GLY C 61 -17.13 6.14 22.43
CA GLY C 61 -17.99 5.63 23.47
C GLY C 61 -17.27 4.64 24.36
N ARG C 62 -17.71 3.39 24.33
CA ARG C 62 -17.12 2.30 25.12
C ARG C 62 -15.85 1.73 24.48
N TYR C 63 -15.65 1.98 23.19
CA TYR C 63 -14.41 1.63 22.49
C TYR C 63 -13.38 2.73 22.72
N SER C 64 -12.20 2.37 23.21
CA SER C 64 -11.03 3.26 23.25
C SER C 64 -9.81 2.51 22.74
N ALA C 65 -8.82 3.23 22.22
CA ALA C 65 -7.69 2.62 21.53
C ALA C 65 -6.40 3.44 21.59
N THR C 66 -5.26 2.75 21.47
CA THR C 66 -3.94 3.37 21.46
C THR C 66 -3.08 2.88 20.30
N LEU C 67 -2.03 3.64 19.99
CA LEU C 67 -1.07 3.29 18.94
C LEU C 67 0.29 3.84 19.31
N ASP C 68 1.33 2.99 19.32
CA ASP C 68 2.71 3.43 19.47
C ASP C 68 3.51 2.98 18.25
N LYS C 69 3.85 3.93 17.39
CA LYS C 69 4.54 3.62 16.14
C LYS C 69 6.02 3.25 16.30
N ASP C 70 6.65 3.63 17.42
CA ASP C 70 8.02 3.19 17.72
C ASP C 70 8.04 1.69 18.03
N ALA C 71 7.14 1.27 18.91
CA ALA C 71 6.92 -0.14 19.22
C ALA C 71 6.21 -0.90 18.10
N LYS C 72 5.47 -0.18 17.24
CA LYS C 72 4.64 -0.75 16.19
C LYS C 72 3.64 -1.67 16.83
N HIS C 73 2.79 -1.06 17.64
CA HIS C 73 1.87 -1.79 18.50
C HIS C 73 0.61 -0.97 18.79
N SER C 74 -0.54 -1.64 18.79
CA SER C 74 -1.84 -1.01 19.10
C SER C 74 -2.74 -1.91 19.94
N THR C 75 -3.46 -1.31 20.89
CA THR C 75 -4.47 -2.00 21.68
C THR C 75 -5.85 -1.36 21.55
N LEU C 76 -6.88 -2.19 21.57
CA LEU C 76 -8.27 -1.75 21.55
C LEU C 76 -8.95 -2.25 22.83
N HIS C 77 -9.34 -1.31 23.70
CA HIS C 77 -10.04 -1.62 24.93
C HIS C 77 -11.54 -1.48 24.69
N ILE C 78 -12.31 -2.42 25.24
CA ILE C 78 -13.76 -2.34 25.28
C ILE C 78 -14.16 -2.30 26.75
N THR C 79 -14.70 -1.18 27.20
CA THR C 79 -15.20 -1.04 28.57
C THR C 79 -16.64 -1.51 28.63
N ALA C 80 -16.97 -2.31 29.64
CA ALA C 80 -18.36 -2.74 29.92
C ALA C 80 -19.05 -3.46 28.76
N THR C 81 -18.46 -4.58 28.33
CA THR C 81 -18.95 -5.33 27.18
C THR C 81 -20.46 -5.62 27.24
N LEU C 82 -21.10 -5.53 26.08
CA LEU C 82 -22.50 -5.91 25.91
C LEU C 82 -22.57 -7.11 24.98
N LEU C 83 -23.74 -7.73 24.93
CA LEU C 83 -23.95 -8.93 24.12
C LEU C 83 -23.63 -8.74 22.62
N ASP C 84 -23.99 -7.57 22.07
CA ASP C 84 -23.74 -7.22 20.64
C ASP C 84 -22.26 -7.20 20.23
N ASP C 85 -21.35 -7.05 21.20
CA ASP C 85 -19.90 -7.12 20.96
C ASP C 85 -19.38 -8.47 20.48
N THR C 86 -20.16 -9.53 20.64
CA THR C 86 -19.83 -10.83 20.05
C THR C 86 -19.56 -10.64 18.54
N ALA C 87 -18.27 -10.72 18.18
CA ALA C 87 -17.81 -10.34 16.85
C ALA C 87 -16.34 -10.71 16.66
N THR C 88 -15.83 -10.46 15.46
CA THR C 88 -14.42 -10.58 15.13
C THR C 88 -13.87 -9.16 14.96
N TYR C 89 -12.67 -8.91 15.49
CA TYR C 89 -12.10 -7.56 15.54
C TYR C 89 -10.80 -7.49 14.74
N ILE C 90 -10.85 -6.75 13.63
CA ILE C 90 -9.80 -6.76 12.62
C ILE C 90 -8.93 -5.52 12.71
N CYS C 91 -7.62 -5.75 12.62
CA CYS C 91 -6.58 -4.72 12.66
C CYS C 91 -6.07 -4.48 11.23
N VAL C 92 -5.94 -3.20 10.84
CA VAL C 92 -5.55 -2.86 9.47
C VAL C 92 -4.58 -1.69 9.46
N VAL C 93 -3.40 -1.90 8.86
CA VAL C 93 -2.37 -0.86 8.75
C VAL C 93 -2.20 -0.41 7.29
N GLY C 94 -2.34 0.91 7.07
CA GLY C 94 -2.13 1.52 5.77
C GLY C 94 -0.75 2.12 5.70
N ASP C 95 -0.01 1.79 4.63
CA ASP C 95 1.41 2.18 4.50
C ASP C 95 1.65 3.52 3.77
N ARG C 96 0.56 4.22 3.40
CA ARG C 96 0.64 5.58 2.89
C ARG C 96 -0.52 6.40 3.42
N GLY C 97 -0.35 7.73 3.41
CA GLY C 97 -1.43 8.68 3.69
C GLY C 97 -2.20 9.16 2.47
N SER C 98 -2.19 8.35 1.41
CA SER C 98 -2.85 8.64 0.14
C SER C 98 -3.40 7.35 -0.47
N ALA C 99 -4.04 7.47 -1.63
CA ALA C 99 -4.55 6.32 -2.37
C ALA C 99 -3.47 5.41 -2.94
N LEU C 100 -2.23 5.90 -3.01
CA LEU C 100 -1.10 5.10 -3.50
C LEU C 100 -0.77 3.87 -2.64
N GLY C 101 -1.16 3.89 -1.36
CA GLY C 101 -0.82 2.85 -0.41
C GLY C 101 -1.63 1.57 -0.50
N ARG C 102 -1.12 0.53 0.15
CA ARG C 102 -1.84 -0.73 0.34
C ARG C 102 -2.26 -0.84 1.80
N LEU C 103 -3.31 -1.63 2.05
CA LEU C 103 -3.79 -1.96 3.40
C LEU C 103 -3.40 -3.40 3.72
N HIS C 104 -2.84 -3.61 4.91
CA HIS C 104 -2.41 -4.93 5.37
C HIS C 104 -3.32 -5.38 6.50
N PHE C 105 -4.10 -6.43 6.27
CA PHE C 105 -5.15 -6.85 7.20
C PHE C 105 -4.68 -7.93 8.16
N GLY C 106 -5.14 -7.84 9.41
CA GLY C 106 -4.92 -8.89 10.39
C GLY C 106 -5.99 -9.95 10.27
N ALA C 107 -5.72 -11.13 10.84
CA ALA C 107 -6.65 -12.26 10.80
C ALA C 107 -7.88 -12.03 11.68
N GLY C 108 -7.70 -11.33 12.79
CA GLY C 108 -8.79 -10.95 13.66
C GLY C 108 -8.77 -11.68 14.99
N THR C 109 -9.27 -10.98 16.01
CA THR C 109 -9.46 -11.51 17.36
C THR C 109 -10.95 -11.80 17.49
N GLN C 110 -11.34 -13.02 17.82
CA GLN C 110 -12.77 -13.37 17.95
C GLN C 110 -13.29 -13.24 19.39
N LEU C 111 -14.04 -12.18 19.65
CA LEU C 111 -14.71 -12.01 20.93
C LEU C 111 -16.04 -12.75 20.95
N ILE C 112 -16.30 -13.44 22.06
CA ILE C 112 -17.61 -14.04 22.35
C ILE C 112 -17.99 -13.58 23.73
N VAL C 113 -19.20 -13.05 23.87
CA VAL C 113 -19.65 -12.47 25.14
C VAL C 113 -20.80 -13.29 25.69
N ILE C 114 -20.59 -13.85 26.89
CA ILE C 114 -21.63 -14.61 27.60
C ILE C 114 -22.62 -13.63 28.23
N PRO C 115 -23.93 -13.80 27.94
CA PRO C 115 -24.95 -12.90 28.50
C PRO C 115 -25.23 -13.10 29.99
N ASP C 116 -25.67 -12.01 30.64
CA ASP C 116 -25.93 -11.99 32.09
C ASP C 116 -27.42 -12.18 32.39
N ILE C 117 -27.83 -13.43 32.64
CA ILE C 117 -29.23 -13.75 32.94
C ILE C 117 -29.49 -13.56 34.43
N GLN C 118 -30.33 -12.59 34.76
CA GLN C 118 -30.55 -12.17 36.15
C GLN C 118 -31.49 -13.15 36.85
N ASN C 119 -32.67 -13.32 36.25
CA ASN C 119 -33.78 -14.04 36.86
C ASN C 119 -34.16 -15.24 35.98
N PRO C 120 -33.42 -16.38 36.11
CA PRO C 120 -33.80 -17.60 35.38
C PRO C 120 -35.14 -18.19 35.83
N ASP C 121 -35.77 -18.97 34.96
CA ASP C 121 -37.08 -19.58 35.21
C ASP C 121 -37.25 -20.81 34.30
N PRO C 122 -36.29 -21.76 34.35
CA PRO C 122 -36.13 -22.79 33.31
C PRO C 122 -37.35 -23.68 33.10
N ALA C 123 -37.76 -23.81 31.84
CA ALA C 123 -38.95 -24.57 31.47
C ALA C 123 -38.76 -25.30 30.13
N VAL C 124 -39.57 -26.35 29.92
CA VAL C 124 -39.63 -27.07 28.65
C VAL C 124 -41.08 -27.15 28.16
N TYR C 125 -41.42 -26.29 27.20
CA TYR C 125 -42.77 -26.20 26.64
C TYR C 125 -42.85 -26.99 25.33
N GLN C 126 -44.08 -27.27 24.90
CA GLN C 126 -44.33 -27.92 23.59
C GLN C 126 -45.12 -26.97 22.70
N LEU C 127 -44.60 -26.73 21.51
CA LEU C 127 -45.22 -25.83 20.53
C LEU C 127 -45.85 -26.68 19.43
N ARG C 128 -47.00 -26.25 18.90
CA ARG C 128 -47.70 -26.98 17.85
C ARG C 128 -47.64 -26.25 16.50
N ASP C 129 -47.61 -27.01 15.41
CA ASP C 129 -47.53 -26.44 14.05
C ASP C 129 -48.85 -25.76 13.67
N SER C 130 -48.74 -24.71 12.86
CA SER C 130 -49.89 -23.89 12.46
C SER C 130 -50.79 -24.56 11.41
N LYS C 131 -50.16 -25.16 10.40
CA LYS C 131 -50.88 -25.79 9.29
C LYS C 131 -51.17 -27.30 9.49
N SER C 132 -50.69 -27.88 10.60
CA SER C 132 -50.74 -29.34 10.77
C SER C 132 -50.49 -29.77 12.23
N SER C 133 -51.56 -29.73 13.04
CA SER C 133 -51.53 -30.01 14.50
C SER C 133 -50.65 -31.20 14.96
N ASP C 134 -50.66 -32.29 14.19
CA ASP C 134 -49.93 -33.52 14.53
C ASP C 134 -48.40 -33.40 14.75
N LYS C 135 -47.74 -32.49 14.01
CA LYS C 135 -46.29 -32.26 14.14
C LYS C 135 -46.01 -31.17 15.20
N SER C 136 -44.87 -31.28 15.88
CA SER C 136 -44.53 -30.38 16.99
C SER C 136 -43.03 -30.34 17.34
N VAL C 137 -42.67 -29.36 18.18
CA VAL C 137 -41.29 -29.17 18.66
C VAL C 137 -41.30 -28.92 20.17
N CYS C 138 -40.23 -29.33 20.85
CA CYS C 138 -40.07 -29.09 22.28
C CYS C 138 -39.02 -28.01 22.50
N LEU C 139 -39.40 -26.95 23.22
CA LEU C 139 -38.57 -25.75 23.39
C LEU C 139 -38.10 -25.64 24.84
N PHE C 140 -36.79 -25.76 25.04
CA PHE C 140 -36.15 -25.58 26.35
C PHE C 140 -35.67 -24.13 26.47
N THR C 141 -36.33 -23.33 27.31
CA THR C 141 -36.06 -21.89 27.43
C THR C 141 -35.89 -21.45 28.88
N ASP C 142 -35.50 -20.20 29.06
CA ASP C 142 -35.36 -19.55 30.38
C ASP C 142 -34.34 -20.16 31.35
N PHE C 143 -33.20 -20.63 30.83
CA PHE C 143 -32.12 -21.16 31.67
C PHE C 143 -30.90 -20.25 31.64
N ASP C 144 -30.18 -20.15 32.76
CA ASP C 144 -28.99 -19.28 32.84
C ASP C 144 -27.79 -19.90 32.12
N SER C 145 -26.80 -19.06 31.82
CA SER C 145 -25.68 -19.44 30.94
C SER C 145 -24.71 -20.49 31.51
N GLN C 146 -24.86 -20.84 32.79
CA GLN C 146 -24.17 -21.99 33.38
C GLN C 146 -24.59 -23.34 32.76
N THR C 147 -25.82 -23.43 32.24
CA THR C 147 -26.34 -24.66 31.62
C THR C 147 -25.81 -24.87 30.20
N ASN C 148 -25.27 -26.07 29.93
CA ASN C 148 -24.80 -26.48 28.61
C ASN C 148 -25.80 -27.43 27.97
N VAL C 149 -26.33 -27.07 26.80
CA VAL C 149 -27.29 -27.91 26.09
C VAL C 149 -26.54 -28.92 25.24
N SER C 150 -26.77 -30.20 25.51
CA SER C 150 -25.98 -31.30 24.93
C SER C 150 -26.62 -31.82 23.65
N GLN C 151 -25.79 -32.25 22.71
CA GLN C 151 -26.24 -32.83 21.44
C GLN C 151 -27.10 -34.09 21.67
N SER C 152 -27.79 -34.51 20.61
CA SER C 152 -28.82 -35.55 20.74
C SER C 152 -28.21 -36.95 20.93
N LYS C 153 -28.82 -37.74 21.82
CA LYS C 153 -28.44 -39.15 22.02
C LYS C 153 -28.67 -39.96 20.75
N ASP C 154 -29.86 -39.83 20.18
CA ASP C 154 -30.25 -40.47 18.92
C ASP C 154 -29.81 -39.59 17.73
N SER C 155 -29.71 -40.19 16.54
CA SER C 155 -29.44 -39.43 15.30
C SER C 155 -30.73 -39.01 14.60
N ASP C 156 -31.79 -39.81 14.74
CA ASP C 156 -33.13 -39.45 14.23
C ASP C 156 -33.83 -38.37 15.07
N VAL C 157 -33.31 -38.09 16.26
CA VAL C 157 -33.72 -36.94 17.08
C VAL C 157 -32.72 -35.78 16.90
N TYR C 158 -33.23 -34.56 16.78
CA TYR C 158 -32.43 -33.36 16.51
C TYR C 158 -32.59 -32.37 17.65
N ILE C 159 -31.46 -31.92 18.22
CA ILE C 159 -31.44 -30.87 19.25
C ILE C 159 -30.42 -29.82 18.83
N THR C 160 -30.84 -28.56 18.82
CA THR C 160 -29.97 -27.45 18.44
C THR C 160 -29.14 -27.05 19.65
N ASP C 161 -28.12 -26.24 19.40
CA ASP C 161 -27.32 -25.69 20.48
C ASP C 161 -28.08 -24.52 21.11
N LYS C 162 -27.62 -24.02 22.25
CA LYS C 162 -28.28 -22.88 22.90
C LYS C 162 -28.05 -21.61 22.09
N CYS C 163 -28.88 -20.61 22.36
CA CYS C 163 -29.01 -19.42 21.54
C CYS C 163 -29.73 -18.37 22.35
N VAL C 164 -29.24 -17.13 22.33
CA VAL C 164 -29.79 -16.07 23.18
C VAL C 164 -30.54 -14.99 22.36
N LEU C 165 -31.78 -14.71 22.76
CA LEU C 165 -32.55 -13.59 22.17
C LEU C 165 -32.63 -12.42 23.15
N ASP C 166 -32.96 -11.26 22.59
CA ASP C 166 -32.89 -9.99 23.31
C ASP C 166 -34.08 -9.11 22.91
N MET C 167 -35.08 -9.07 23.78
CA MET C 167 -36.23 -8.17 23.61
C MET C 167 -35.79 -6.77 24.08
N ARG C 168 -35.35 -5.96 23.13
CA ARG C 168 -34.64 -4.70 23.40
C ARG C 168 -35.51 -3.66 24.13
N SER C 169 -36.80 -3.63 23.80
CA SER C 169 -37.75 -2.71 24.43
C SER C 169 -38.10 -3.04 25.88
N MET C 170 -37.87 -4.28 26.31
CA MET C 170 -38.06 -4.72 27.71
C MET C 170 -36.76 -4.88 28.51
N ASP C 171 -35.61 -4.80 27.83
CA ASP C 171 -34.30 -5.04 28.46
C ASP C 171 -34.23 -6.45 29.07
N PHE C 172 -34.63 -7.44 28.27
CA PHE C 172 -34.79 -8.82 28.69
C PHE C 172 -34.03 -9.76 27.75
N LYS C 173 -33.23 -10.66 28.31
CA LYS C 173 -32.50 -11.67 27.55
C LYS C 173 -32.90 -13.07 28.02
N SER C 174 -32.90 -14.04 27.09
CA SER C 174 -33.22 -15.43 27.43
C SER C 174 -32.54 -16.43 26.49
N ASN C 175 -31.83 -17.40 27.08
CA ASN C 175 -31.33 -18.54 26.35
C ASN C 175 -32.49 -19.45 25.97
N SER C 176 -32.35 -20.14 24.84
CA SER C 176 -33.37 -21.04 24.33
C SER C 176 -32.70 -22.10 23.47
N ALA C 177 -33.34 -23.26 23.38
CA ALA C 177 -32.88 -24.34 22.50
C ALA C 177 -34.06 -25.23 22.12
N VAL C 178 -34.06 -25.69 20.86
CA VAL C 178 -35.20 -26.41 20.29
C VAL C 178 -34.82 -27.86 20.07
N ALA C 179 -35.78 -28.76 20.33
CA ALA C 179 -35.59 -30.18 20.07
C ALA C 179 -36.84 -30.76 19.41
N TRP C 180 -36.63 -31.70 18.48
CA TRP C 180 -37.72 -32.29 17.69
C TRP C 180 -37.31 -33.63 17.09
N SER C 181 -38.31 -34.45 16.74
CA SER C 181 -38.09 -35.71 16.03
C SER C 181 -39.39 -36.26 15.46
N ASN C 182 -39.30 -36.86 14.27
CA ASN C 182 -40.40 -37.63 13.68
C ASN C 182 -40.71 -38.90 14.51
N LYS C 183 -39.67 -39.61 14.95
CA LYS C 183 -39.83 -40.87 15.72
C LYS C 183 -40.36 -40.61 17.13
N PHE C 186 -41.22 -40.22 20.91
CA PHE C 186 -40.61 -38.94 21.28
C PHE C 186 -41.63 -38.04 22.00
N ALA C 187 -41.24 -37.54 23.17
CA ALA C 187 -42.06 -36.59 23.95
C ALA C 187 -41.15 -35.59 24.66
N CYS C 188 -41.73 -34.49 25.13
CA CYS C 188 -40.95 -33.37 25.67
C CYS C 188 -40.38 -33.59 27.07
N ALA C 189 -41.00 -34.47 27.87
CA ALA C 189 -40.44 -34.86 29.17
C ALA C 189 -39.12 -35.66 29.00
N ASN C 190 -39.04 -36.47 27.95
CA ASN C 190 -37.85 -37.27 27.63
C ASN C 190 -36.89 -36.61 26.60
N ALA C 191 -37.20 -35.40 26.16
CA ALA C 191 -36.48 -34.77 25.04
C ALA C 191 -35.08 -34.31 25.40
N PHE C 192 -34.95 -33.66 26.56
CA PHE C 192 -33.65 -33.17 27.06
C PHE C 192 -33.15 -34.03 28.24
N ASN C 193 -33.23 -35.36 28.09
CA ASN C 193 -32.64 -36.29 29.06
C ASN C 193 -31.12 -36.15 29.10
N ASN C 194 -30.50 -36.06 27.93
CA ASN C 194 -29.04 -36.15 27.79
C ASN C 194 -28.26 -34.89 28.20
N SER C 195 -28.97 -33.82 28.61
CA SER C 195 -28.34 -32.59 29.12
C SER C 195 -28.44 -32.52 30.65
N ILE C 196 -27.39 -32.00 31.28
CA ILE C 196 -27.43 -31.68 32.70
C ILE C 196 -28.26 -30.41 32.87
N ILE C 197 -29.58 -30.58 33.00
CA ILE C 197 -30.52 -29.46 33.16
C ILE C 197 -30.79 -29.16 34.63
N PRO C 198 -31.16 -27.91 34.96
CA PRO C 198 -31.58 -27.55 36.32
C PRO C 198 -32.57 -28.53 36.94
N GLU C 199 -32.40 -28.84 38.21
CA GLU C 199 -33.28 -29.76 38.94
C GLU C 199 -34.65 -29.13 39.23
N ASP C 200 -34.73 -27.79 39.19
CA ASP C 200 -36.01 -27.06 39.33
C ASP C 200 -36.63 -26.65 37.97
N THR C 201 -36.41 -27.45 36.92
CA THR C 201 -36.99 -27.17 35.61
C THR C 201 -38.49 -27.42 35.62
N PHE C 202 -39.25 -26.54 34.96
CA PHE C 202 -40.71 -26.61 34.88
C PHE C 202 -41.18 -27.32 33.61
N PHE C 203 -41.45 -28.63 33.72
CA PHE C 203 -42.13 -29.39 32.68
C PHE C 203 -43.63 -29.29 32.98
N PRO C 204 -44.40 -28.55 32.15
CA PRO C 204 -45.82 -28.35 32.43
C PRO C 204 -46.70 -29.57 32.07
N SER C 205 -48.01 -29.39 32.11
CA SER C 205 -48.98 -30.38 31.59
C SER C 205 -49.08 -31.62 32.49
N ALA D 3 -20.80 7.99 1.90
CA ALA D 3 -20.13 7.33 0.73
C ALA D 3 -20.40 5.81 0.70
N ALA D 4 -21.53 5.44 0.09
CA ALA D 4 -21.99 4.04 0.05
C ALA D 4 -21.44 3.24 -1.16
N VAL D 5 -21.39 1.92 -0.99
CA VAL D 5 -20.99 0.96 -2.04
C VAL D 5 -21.92 -0.25 -1.95
N THR D 6 -22.28 -0.82 -3.10
CA THR D 6 -23.14 -2.01 -3.16
C THR D 6 -22.50 -3.10 -4.00
N GLN D 7 -22.79 -4.35 -3.65
CA GLN D 7 -22.32 -5.54 -4.36
C GLN D 7 -23.50 -6.38 -4.75
N SER D 8 -23.31 -7.21 -5.77
CA SER D 8 -24.37 -8.08 -6.28
C SER D 8 -23.75 -9.20 -7.11
N PRO D 9 -24.15 -10.46 -6.90
CA PRO D 9 -25.12 -10.89 -5.89
C PRO D 9 -24.57 -10.78 -4.48
N ARG D 10 -25.47 -10.82 -3.49
CA ARG D 10 -25.06 -10.88 -2.09
C ARG D 10 -24.71 -12.31 -1.67
N ASN D 11 -25.22 -13.29 -2.39
CA ASN D 11 -24.99 -14.69 -2.08
C ASN D 11 -25.16 -15.53 -3.36
N LYS D 12 -24.29 -16.53 -3.53
CA LYS D 12 -24.19 -17.26 -4.80
C LYS D 12 -23.71 -18.71 -4.62
N VAL D 13 -24.40 -19.64 -5.28
CA VAL D 13 -23.97 -21.04 -5.36
C VAL D 13 -23.65 -21.36 -6.83
N ALA D 14 -22.51 -22.00 -7.05
CA ALA D 14 -21.97 -22.23 -8.40
C ALA D 14 -21.35 -23.61 -8.51
N VAL D 15 -21.28 -24.11 -9.73
CA VAL D 15 -20.65 -25.39 -10.01
C VAL D 15 -19.22 -25.16 -10.53
N THR D 16 -18.32 -26.12 -10.25
CA THR D 16 -16.97 -26.15 -10.83
C THR D 16 -17.05 -26.08 -12.36
N GLY D 17 -16.32 -25.15 -12.95
CA GLY D 17 -16.33 -24.95 -14.39
C GLY D 17 -17.25 -23.84 -14.89
N GLY D 18 -18.24 -23.46 -14.09
CA GLY D 18 -19.15 -22.38 -14.45
C GLY D 18 -18.48 -21.00 -14.48
N LYS D 19 -19.08 -20.07 -15.22
CA LYS D 19 -18.67 -18.68 -15.18
C LYS D 19 -19.46 -18.01 -14.09
N VAL D 20 -18.75 -17.34 -13.18
CA VAL D 20 -19.35 -16.60 -12.08
C VAL D 20 -18.87 -15.16 -12.17
N THR D 21 -19.77 -14.20 -11.98
CA THR D 21 -19.41 -12.78 -12.09
C THR D 21 -19.97 -11.98 -10.92
N LEU D 22 -19.05 -11.42 -10.14
CA LEU D 22 -19.39 -10.59 -8.98
C LEU D 22 -19.24 -9.13 -9.38
N SER D 23 -20.24 -8.31 -9.07
CA SER D 23 -20.28 -6.91 -9.49
C SER D 23 -20.42 -5.97 -8.31
N CYS D 24 -19.94 -4.74 -8.52
CA CYS D 24 -19.84 -3.75 -7.46
C CYS D 24 -20.17 -2.35 -7.99
N ASN D 25 -21.21 -1.72 -7.44
CA ASN D 25 -21.69 -0.41 -7.87
C ASN D 25 -21.44 0.68 -6.80
N GLN D 26 -21.02 1.86 -7.28
CA GLN D 26 -20.56 2.95 -6.44
C GLN D 26 -20.93 4.30 -7.10
N THR D 27 -21.79 5.08 -6.43
CA THR D 27 -22.25 6.40 -6.94
C THR D 27 -21.49 7.59 -6.31
N ASN D 28 -20.23 7.36 -5.94
CA ASN D 28 -19.43 8.32 -5.18
C ASN D 28 -18.54 9.15 -6.09
N ASN D 29 -18.50 8.79 -7.38
CA ASN D 29 -17.49 9.29 -8.32
C ASN D 29 -16.05 9.02 -7.83
N HIS D 30 -15.85 7.91 -7.12
CA HIS D 30 -14.54 7.50 -6.68
C HIS D 30 -13.78 6.92 -7.88
N ASN D 31 -12.58 7.44 -8.11
CA ASN D 31 -11.71 6.93 -9.18
C ASN D 31 -11.33 5.47 -8.99
N ASN D 32 -11.08 5.08 -7.74
CA ASN D 32 -10.38 3.84 -7.42
C ASN D 32 -11.32 2.80 -6.84
N MET D 33 -11.15 1.54 -7.25
CA MET D 33 -11.98 0.42 -6.77
C MET D 33 -11.13 -0.83 -6.57
N TYR D 34 -11.56 -1.69 -5.64
CA TYR D 34 -10.75 -2.78 -5.10
C TYR D 34 -11.58 -4.04 -4.86
N TRP D 35 -11.01 -5.21 -5.13
CA TRP D 35 -11.65 -6.51 -4.85
C TRP D 35 -10.78 -7.32 -3.92
N TYR D 36 -11.37 -7.76 -2.80
CA TYR D 36 -10.71 -8.58 -1.80
C TYR D 36 -11.43 -9.92 -1.63
N ARG D 37 -10.76 -10.87 -0.97
CA ARG D 37 -11.42 -12.10 -0.45
C ARG D 37 -10.98 -12.39 0.98
N GLN D 38 -11.95 -12.74 1.82
CA GLN D 38 -11.72 -13.07 3.23
C GLN D 38 -11.90 -14.58 3.40
N ASP D 39 -10.88 -15.24 3.94
CA ASP D 39 -10.95 -16.65 4.31
C ASP D 39 -10.60 -16.81 5.78
N THR D 40 -11.50 -17.45 6.53
CA THR D 40 -11.27 -17.74 7.95
C THR D 40 -9.88 -18.35 8.08
N GLY D 41 -8.99 -17.62 8.76
CA GLY D 41 -7.58 -17.98 8.84
C GLY D 41 -6.68 -16.81 8.46
N HIS D 42 -7.01 -16.15 7.36
CA HIS D 42 -6.24 -15.02 6.85
C HIS D 42 -7.04 -13.74 7.02
N GLY D 43 -6.40 -12.60 6.75
CA GLY D 43 -7.10 -11.32 6.61
C GLY D 43 -7.60 -11.15 5.19
N LEU D 44 -8.14 -9.97 4.88
CA LEU D 44 -8.52 -9.63 3.49
C LEU D 44 -7.27 -9.51 2.61
N ARG D 45 -7.27 -10.21 1.47
CA ARG D 45 -6.18 -10.14 0.50
C ARG D 45 -6.70 -9.56 -0.80
N LEU D 46 -5.90 -8.70 -1.41
CA LEU D 46 -6.29 -7.97 -2.62
C LEU D 46 -6.19 -8.86 -3.86
N ILE D 47 -7.27 -8.92 -4.64
CA ILE D 47 -7.29 -9.73 -5.88
C ILE D 47 -6.93 -8.84 -7.08
N HIS D 48 -7.77 -7.84 -7.34
CA HIS D 48 -7.55 -6.85 -8.41
C HIS D 48 -7.98 -5.48 -7.95
N TYR D 49 -7.61 -4.45 -8.70
CA TYR D 49 -8.07 -3.10 -8.43
C TYR D 49 -8.03 -2.24 -9.71
N SER D 50 -8.56 -1.03 -9.63
CA SER D 50 -8.70 -0.18 -10.81
C SER D 50 -8.62 1.29 -10.42
N TYR D 51 -7.80 2.07 -11.13
CA TYR D 51 -7.61 3.50 -10.86
C TYR D 51 -8.56 4.41 -11.66
N GLY D 52 -9.24 3.84 -12.64
CA GLY D 52 -10.30 4.54 -13.35
C GLY D 52 -10.94 3.61 -14.36
N ALA D 53 -11.99 4.08 -15.02
CA ALA D 53 -12.60 3.32 -16.11
C ALA D 53 -11.53 2.93 -17.12
N GLY D 54 -11.46 1.63 -17.45
CA GLY D 54 -10.50 1.12 -18.43
C GLY D 54 -9.22 0.53 -17.87
N SER D 55 -8.84 0.93 -16.65
CA SER D 55 -7.70 0.34 -15.96
C SER D 55 -8.16 -0.86 -15.13
N THR D 56 -7.36 -1.92 -15.16
CA THR D 56 -7.44 -3.00 -14.17
C THR D 56 -6.02 -3.47 -13.90
N GLU D 57 -5.73 -3.71 -12.62
CA GLU D 57 -4.40 -4.13 -12.17
C GLU D 57 -4.45 -5.46 -11.43
N LYS D 58 -3.39 -6.24 -11.58
CA LYS D 58 -3.17 -7.41 -10.73
C LYS D 58 -2.94 -6.95 -9.30
N GLY D 59 -3.57 -7.63 -8.34
CA GLY D 59 -3.33 -7.41 -6.91
C GLY D 59 -2.32 -8.39 -6.37
N ASP D 60 -2.59 -8.90 -5.16
CA ASP D 60 -1.68 -9.85 -4.48
C ASP D 60 -1.91 -11.30 -4.90
N ILE D 61 -3.18 -11.68 -5.00
CA ILE D 61 -3.57 -13.06 -5.32
C ILE D 61 -4.55 -13.09 -6.51
N PRO D 62 -4.08 -12.66 -7.70
CA PRO D 62 -4.97 -12.45 -8.85
C PRO D 62 -5.26 -13.69 -9.69
N ASP D 63 -4.55 -14.80 -9.44
CA ASP D 63 -4.65 -15.99 -10.30
C ASP D 63 -6.02 -16.64 -10.20
N GLY D 64 -6.68 -16.80 -11.34
CA GLY D 64 -8.03 -17.35 -11.39
C GLY D 64 -9.14 -16.32 -11.55
N TYR D 65 -8.82 -15.04 -11.35
CA TYR D 65 -9.80 -13.95 -11.47
C TYR D 65 -9.42 -12.98 -12.58
N LYS D 66 -10.36 -12.70 -13.46
CA LYS D 66 -10.26 -11.57 -14.39
C LYS D 66 -11.10 -10.43 -13.83
N ALA D 67 -10.68 -9.20 -14.09
CA ALA D 67 -11.38 -8.00 -13.60
C ALA D 67 -11.77 -7.09 -14.75
N SER D 68 -12.79 -6.27 -14.51
CA SER D 68 -13.39 -5.46 -15.58
C SER D 68 -13.94 -4.15 -15.02
N ARG D 69 -13.36 -3.04 -15.46
CA ARG D 69 -13.86 -1.70 -15.13
C ARG D 69 -14.38 -1.07 -16.44
N PRO D 70 -15.65 -1.34 -16.79
CA PRO D 70 -16.25 -0.68 -17.96
C PRO D 70 -16.57 0.80 -17.75
N SER D 71 -16.85 1.21 -16.52
CA SER D 71 -17.21 2.59 -16.22
C SER D 71 -16.74 3.01 -14.84
N GLN D 72 -16.96 4.28 -14.49
CA GLN D 72 -16.62 4.80 -13.17
C GLN D 72 -17.43 4.12 -12.06
N GLU D 73 -18.69 3.77 -12.37
CA GLU D 73 -19.61 3.21 -11.38
C GLU D 73 -19.40 1.71 -11.07
N ASN D 74 -19.06 0.91 -12.09
CA ASN D 74 -19.02 -0.56 -11.96
C ASN D 74 -17.63 -1.16 -12.14
N PHE D 75 -17.20 -1.95 -11.15
CA PHE D 75 -15.96 -2.74 -11.21
C PHE D 75 -16.35 -4.19 -10.93
N SER D 76 -16.09 -5.08 -11.90
CA SER D 76 -16.51 -6.49 -11.84
C SER D 76 -15.34 -7.45 -11.66
N LEU D 77 -15.63 -8.56 -10.97
CA LEU D 77 -14.70 -9.65 -10.79
C LEU D 77 -15.31 -10.88 -11.44
N ILE D 78 -14.58 -11.46 -12.39
CA ILE D 78 -15.07 -12.54 -13.23
C ILE D 78 -14.24 -13.77 -12.89
N LEU D 79 -14.91 -14.85 -12.52
CA LEU D 79 -14.30 -16.16 -12.40
C LEU D 79 -14.73 -16.91 -13.66
N GLU D 80 -13.82 -17.02 -14.63
CA GLU D 80 -14.13 -17.61 -15.94
C GLU D 80 -14.35 -19.13 -15.82
N LEU D 81 -13.46 -19.79 -15.09
CA LEU D 81 -13.58 -21.21 -14.75
C LEU D 81 -13.57 -21.37 -13.23
N ALA D 82 -14.77 -21.38 -12.63
CA ALA D 82 -14.93 -21.48 -11.18
C ALA D 82 -14.30 -22.77 -10.64
N THR D 83 -13.74 -22.70 -9.44
CA THR D 83 -13.15 -23.87 -8.77
C THR D 83 -13.49 -23.85 -7.28
N PRO D 84 -13.45 -25.03 -6.62
CA PRO D 84 -13.73 -25.12 -5.17
C PRO D 84 -12.86 -24.22 -4.29
N SER D 85 -11.62 -23.98 -4.71
CA SER D 85 -10.69 -23.09 -4.00
C SER D 85 -11.13 -21.63 -3.92
N GLN D 86 -11.99 -21.21 -4.86
CA GLN D 86 -12.57 -19.86 -4.87
C GLN D 86 -13.82 -19.69 -4.00
N THR D 87 -14.15 -20.69 -3.18
CA THR D 87 -15.18 -20.57 -2.14
C THR D 87 -14.67 -19.58 -1.10
N SER D 88 -15.35 -18.45 -0.98
CA SER D 88 -14.91 -17.38 -0.08
C SER D 88 -16.02 -16.35 0.19
N VAL D 89 -15.65 -15.27 0.88
CA VAL D 89 -16.46 -14.07 1.02
C VAL D 89 -15.70 -12.95 0.32
N TYR D 90 -16.30 -12.36 -0.71
CA TYR D 90 -15.62 -11.36 -1.53
C TYR D 90 -16.07 -9.96 -1.17
N PHE D 91 -15.15 -9.11 -0.73
CA PHE D 91 -15.45 -7.73 -0.40
C PHE D 91 -14.98 -6.79 -1.49
N CYS D 92 -15.77 -5.77 -1.77
CA CYS D 92 -15.45 -4.74 -2.74
C CYS D 92 -15.34 -3.41 -2.03
N ALA D 93 -14.47 -2.53 -2.51
CA ALA D 93 -14.33 -1.19 -1.93
C ALA D 93 -13.93 -0.14 -2.95
N SER D 94 -14.23 1.12 -2.61
CA SER D 94 -13.92 2.28 -3.46
C SER D 94 -13.24 3.41 -2.68
N GLY D 95 -12.58 4.31 -3.40
CA GLY D 95 -11.93 5.45 -2.77
C GLY D 95 -11.47 6.53 -3.72
N ASP D 96 -11.33 7.74 -3.18
CA ASP D 96 -10.81 8.88 -3.94
C ASP D 96 -9.28 8.96 -3.80
N GLU D 97 -8.71 10.16 -3.93
CA GLU D 97 -7.25 10.35 -3.82
C GLU D 97 -6.67 10.11 -2.41
N GLY D 98 -7.50 10.19 -1.36
CA GLY D 98 -7.06 9.95 0.02
C GLY D 98 -6.85 8.47 0.36
N TYR D 99 -6.62 8.17 1.64
CA TYR D 99 -6.27 6.79 2.07
C TYR D 99 -7.43 5.85 2.41
N THR D 100 -8.62 6.39 2.68
CA THR D 100 -9.77 5.56 3.09
C THR D 100 -10.28 4.74 1.91
N GLN D 101 -10.69 3.52 2.19
CA GLN D 101 -11.42 2.70 1.25
C GLN D 101 -12.77 2.36 1.89
N TYR D 102 -13.85 2.70 1.19
CA TYR D 102 -15.19 2.55 1.72
C TYR D 102 -15.69 1.18 1.30
N PHE D 103 -15.96 0.31 2.29
CA PHE D 103 -16.19 -1.12 2.01
C PHE D 103 -17.63 -1.47 1.70
N GLY D 104 -17.79 -2.48 0.85
CA GLY D 104 -19.10 -3.03 0.52
C GLY D 104 -19.57 -4.03 1.57
N PRO D 105 -20.80 -4.53 1.43
CA PRO D 105 -21.37 -5.44 2.42
C PRO D 105 -20.92 -6.90 2.32
N GLY D 106 -20.09 -7.25 1.34
CA GLY D 106 -19.64 -8.65 1.16
C GLY D 106 -20.56 -9.50 0.31
N THR D 107 -19.98 -10.52 -0.32
CA THR D 107 -20.66 -11.44 -1.24
C THR D 107 -20.17 -12.87 -0.98
N ARG D 108 -21.04 -13.75 -0.51
CA ARG D 108 -20.63 -15.14 -0.26
C ARG D 108 -20.75 -15.97 -1.51
N LEU D 109 -19.71 -16.76 -1.78
CA LEU D 109 -19.69 -17.66 -2.92
C LEU D 109 -19.32 -19.06 -2.44
N LEU D 110 -20.14 -20.04 -2.81
CA LEU D 110 -19.83 -21.45 -2.62
C LEU D 110 -19.72 -22.08 -4.00
N VAL D 111 -18.57 -22.69 -4.27
CA VAL D 111 -18.35 -23.43 -5.51
C VAL D 111 -18.37 -24.92 -5.18
N LEU D 112 -19.37 -25.63 -5.71
CA LEU D 112 -19.53 -27.08 -5.48
C LEU D 112 -18.94 -27.91 -6.62
N GLU D 113 -18.71 -29.18 -6.35
CA GLU D 113 -18.20 -30.12 -7.35
C GLU D 113 -19.31 -30.49 -8.34
N ASP D 114 -20.49 -30.78 -7.82
CA ASP D 114 -21.67 -31.12 -8.63
C ASP D 114 -22.95 -30.68 -7.92
N LEU D 115 -23.97 -30.36 -8.71
CA LEU D 115 -25.23 -29.80 -8.20
C LEU D 115 -26.34 -30.84 -7.90
N ARG D 116 -26.00 -32.13 -7.91
CA ARG D 116 -27.03 -33.19 -7.86
C ARG D 116 -27.83 -33.20 -6.56
N ASN D 117 -27.20 -32.82 -5.45
CA ASN D 117 -27.83 -32.86 -4.13
C ASN D 117 -28.56 -31.57 -3.74
N VAL D 118 -28.61 -30.58 -4.64
CA VAL D 118 -29.16 -29.26 -4.28
C VAL D 118 -30.67 -29.38 -4.07
N THR D 119 -31.16 -28.85 -2.93
CA THR D 119 -32.57 -28.98 -2.52
C THR D 119 -33.00 -27.76 -1.69
N PRO D 120 -34.18 -27.18 -1.96
CA PRO D 120 -34.68 -26.11 -1.09
C PRO D 120 -35.28 -26.63 0.23
N PRO D 121 -35.52 -25.73 1.19
CA PRO D 121 -36.09 -26.13 2.49
C PRO D 121 -37.61 -26.28 2.51
N LYS D 122 -38.09 -27.10 3.46
CA LYS D 122 -39.47 -27.05 3.91
C LYS D 122 -39.44 -26.17 5.14
N VAL D 123 -40.40 -25.25 5.25
CA VAL D 123 -40.46 -24.36 6.41
C VAL D 123 -41.72 -24.64 7.23
N SER D 124 -41.56 -24.80 8.54
CA SER D 124 -42.69 -24.92 9.48
C SER D 124 -42.61 -23.80 10.50
N LEU D 125 -43.77 -23.30 10.91
CA LEU D 125 -43.87 -22.30 11.98
C LEU D 125 -44.68 -22.90 13.12
N PHE D 126 -44.09 -22.93 14.31
CA PHE D 126 -44.72 -23.54 15.48
C PHE D 126 -45.17 -22.44 16.43
N GLU D 127 -46.41 -22.58 16.91
CA GLU D 127 -47.10 -21.53 17.65
C GLU D 127 -46.89 -21.63 19.16
N PRO D 128 -46.92 -20.47 19.88
CA PRO D 128 -46.58 -20.40 21.30
C PRO D 128 -47.40 -21.32 22.19
N SER D 129 -46.74 -21.87 23.21
CA SER D 129 -47.38 -22.73 24.19
C SER D 129 -48.29 -21.89 25.09
N LYS D 130 -49.48 -22.41 25.39
CA LYS D 130 -50.41 -21.78 26.34
C LYS D 130 -49.83 -21.83 27.77
N ALA D 131 -49.06 -22.88 28.05
CA ALA D 131 -48.29 -22.98 29.29
C ALA D 131 -47.25 -21.86 29.43
N GLU D 132 -46.54 -21.55 28.34
CA GLU D 132 -45.56 -20.46 28.32
C GLU D 132 -46.23 -19.09 28.48
N ILE D 133 -47.32 -18.86 27.75
CA ILE D 133 -48.08 -17.62 27.82
C ILE D 133 -48.50 -17.27 29.25
N SER D 134 -49.02 -18.26 29.97
CA SER D 134 -49.49 -18.06 31.36
C SER D 134 -48.33 -17.98 32.37
N HIS D 135 -47.31 -18.82 32.22
CA HIS D 135 -46.19 -18.87 33.17
C HIS D 135 -45.22 -17.68 33.08
N THR D 136 -45.06 -17.09 31.89
CA THR D 136 -44.09 -16.00 31.67
C THR D 136 -44.64 -14.67 31.13
N GLN D 137 -45.90 -14.65 30.69
CA GLN D 137 -46.48 -13.49 29.97
C GLN D 137 -45.73 -13.16 28.67
N LYS D 138 -45.18 -14.20 28.04
CA LYS D 138 -44.40 -14.08 26.83
C LYS D 138 -44.69 -15.28 25.92
N ALA D 139 -44.58 -15.04 24.61
CA ALA D 139 -44.96 -16.02 23.61
C ALA D 139 -43.80 -16.24 22.64
N THR D 140 -43.29 -17.47 22.58
CA THR D 140 -42.14 -17.82 21.72
C THR D 140 -42.61 -18.56 20.49
N LEU D 141 -42.63 -17.89 19.35
CA LEU D 141 -42.79 -18.56 18.05
C LEU D 141 -41.46 -19.22 17.70
N VAL D 142 -41.52 -20.35 16.98
CA VAL D 142 -40.34 -21.05 16.52
C VAL D 142 -40.55 -21.49 15.08
N CYS D 143 -39.53 -21.27 14.27
CA CYS D 143 -39.56 -21.59 12.84
C CYS D 143 -38.50 -22.63 12.53
N LEU D 144 -38.75 -23.44 11.51
CA LEU D 144 -37.95 -24.64 11.28
C LEU D 144 -37.72 -24.94 9.78
N ALA D 145 -36.58 -24.49 9.27
CA ALA D 145 -36.16 -24.80 7.91
C ALA D 145 -35.48 -26.16 7.92
N THR D 146 -35.93 -27.08 7.05
CA THR D 146 -35.36 -28.44 7.01
C THR D 146 -35.26 -29.01 5.60
N GLY D 147 -34.33 -29.95 5.44
CA GLY D 147 -34.17 -30.73 4.21
C GLY D 147 -33.48 -29.99 3.10
N PHE D 148 -32.61 -29.05 3.45
CA PHE D 148 -32.02 -28.13 2.46
C PHE D 148 -30.52 -28.30 2.32
N TYR D 149 -30.05 -28.17 1.07
CA TYR D 149 -28.64 -28.27 0.71
C TYR D 149 -28.40 -27.38 -0.52
N PRO D 150 -27.30 -26.61 -0.58
CA PRO D 150 -26.31 -26.44 0.49
C PRO D 150 -26.82 -25.49 1.59
N ASP D 151 -25.95 -25.17 2.56
CA ASP D 151 -26.34 -24.40 3.76
C ASP D 151 -26.51 -22.87 3.60
N HIS D 152 -26.47 -22.34 2.37
CA HIS D 152 -26.65 -20.90 2.13
C HIS D 152 -28.11 -20.46 2.21
N VAL D 153 -28.53 -20.11 3.43
CA VAL D 153 -29.88 -19.58 3.69
C VAL D 153 -29.83 -18.37 4.61
N GLU D 154 -30.80 -17.48 4.44
CA GLU D 154 -31.00 -16.34 5.33
C GLU D 154 -32.40 -16.46 5.89
N LEU D 155 -32.50 -16.75 7.17
CA LEU D 155 -33.78 -16.84 7.85
C LEU D 155 -34.11 -15.47 8.44
N SER D 156 -35.30 -14.95 8.10
CA SER D 156 -35.78 -13.66 8.62
C SER D 156 -37.20 -13.75 9.14
N TRP D 157 -37.54 -12.88 10.10
CA TRP D 157 -38.89 -12.80 10.69
C TRP D 157 -39.57 -11.51 10.27
N TRP D 158 -40.86 -11.60 9.93
CA TRP D 158 -41.64 -10.46 9.45
C TRP D 158 -42.96 -10.39 10.19
N VAL D 159 -43.33 -9.20 10.65
CA VAL D 159 -44.58 -8.99 11.38
C VAL D 159 -45.36 -7.83 10.74
N ASN D 160 -46.53 -8.13 10.19
CA ASN D 160 -47.34 -7.18 9.42
C ASN D 160 -46.52 -6.53 8.31
N GLY D 161 -45.79 -7.37 7.58
CA GLY D 161 -45.02 -6.95 6.41
C GLY D 161 -43.76 -6.17 6.69
N LYS D 162 -43.32 -6.13 7.94
CA LYS D 162 -42.14 -5.35 8.33
C LYS D 162 -41.19 -6.19 9.19
N GLU D 163 -39.98 -6.40 8.69
CA GLU D 163 -38.98 -7.29 9.29
C GLU D 163 -38.64 -6.88 10.72
N VAL D 164 -38.75 -7.82 11.67
CA VAL D 164 -38.43 -7.57 13.09
C VAL D 164 -37.10 -8.20 13.47
N HIS D 165 -36.25 -7.42 14.14
CA HIS D 165 -34.95 -7.87 14.64
C HIS D 165 -34.96 -8.10 16.15
N SER D 166 -35.61 -7.21 16.90
CA SER D 166 -35.76 -7.37 18.35
C SER D 166 -36.48 -8.68 18.67
N GLY D 167 -36.00 -9.35 19.71
CA GLY D 167 -36.59 -10.60 20.19
C GLY D 167 -36.36 -11.82 19.31
N VAL D 168 -35.40 -11.74 18.38
CA VAL D 168 -35.08 -12.87 17.50
C VAL D 168 -33.79 -13.54 17.96
N CYS D 169 -33.71 -14.86 17.79
CA CYS D 169 -32.42 -15.55 17.72
C CYS D 169 -32.51 -16.69 16.71
N THR D 170 -31.49 -16.79 15.85
CA THR D 170 -31.36 -17.84 14.86
C THR D 170 -30.09 -18.62 15.17
N ASP D 171 -30.12 -19.93 14.93
CA ASP D 171 -28.97 -20.79 15.19
C ASP D 171 -27.74 -20.23 14.49
N PRO D 172 -26.54 -20.30 15.14
CA PRO D 172 -25.34 -19.77 14.48
C PRO D 172 -24.95 -20.53 13.22
N GLN D 173 -25.10 -21.86 13.27
CA GLN D 173 -24.80 -22.74 12.14
C GLN D 173 -25.92 -23.79 12.03
N PRO D 174 -26.24 -24.21 10.79
CA PRO D 174 -27.28 -25.23 10.64
C PRO D 174 -26.73 -26.61 10.97
N LEU D 175 -27.56 -27.48 11.54
CA LEU D 175 -27.16 -28.85 11.93
C LEU D 175 -27.58 -29.88 10.90
N LYS D 176 -26.77 -30.94 10.78
CA LYS D 176 -26.94 -31.96 9.74
C LYS D 176 -27.98 -33.01 10.10
N GLU D 177 -28.82 -33.36 9.12
CA GLU D 177 -29.85 -34.38 9.29
C GLU D 177 -29.23 -35.78 9.29
N GLN D 178 -28.21 -35.97 8.46
CA GLN D 178 -27.49 -37.24 8.29
C GLN D 178 -25.99 -37.02 8.57
N PRO D 179 -25.60 -36.82 9.86
CA PRO D 179 -24.19 -36.50 10.16
C PRO D 179 -23.14 -37.45 9.53
N ALA D 180 -23.54 -38.71 9.28
CA ALA D 180 -22.70 -39.68 8.58
C ALA D 180 -22.36 -39.26 7.14
N LEU D 181 -23.38 -38.98 6.34
CA LEU D 181 -23.23 -38.84 4.87
C LEU D 181 -22.43 -37.61 4.44
N ASN D 182 -21.84 -37.69 3.25
CA ASN D 182 -20.89 -36.70 2.73
C ASN D 182 -21.59 -35.37 2.41
N ASP D 183 -22.63 -35.46 1.58
CA ASP D 183 -23.46 -34.31 1.19
C ASP D 183 -24.83 -34.37 1.88
N SER D 184 -24.81 -34.39 3.21
CA SER D 184 -26.03 -34.43 4.02
C SER D 184 -26.85 -33.16 3.84
N ARG D 185 -28.16 -33.30 4.02
CA ARG D 185 -29.05 -32.14 4.10
C ARG D 185 -28.95 -31.51 5.48
N TYR D 186 -29.43 -30.28 5.59
CA TYR D 186 -29.35 -29.50 6.83
C TYR D 186 -30.72 -29.17 7.40
N SER D 187 -30.69 -28.71 8.65
CA SER D 187 -31.84 -28.11 9.31
C SER D 187 -31.39 -26.88 10.10
N LEU D 188 -32.31 -25.94 10.32
CA LEU D 188 -31.98 -24.67 10.97
C LEU D 188 -33.22 -24.16 11.70
N SER D 189 -33.08 -23.86 12.99
CA SER D 189 -34.18 -23.34 13.80
C SER D 189 -33.98 -21.86 14.08
N SER D 190 -35.08 -21.18 14.38
CA SER D 190 -35.05 -19.76 14.78
C SER D 190 -36.23 -19.47 15.70
N ARG D 191 -36.03 -18.60 16.69
CA ARG D 191 -37.11 -18.22 17.60
C ARG D 191 -37.40 -16.73 17.54
N LEU D 192 -38.68 -16.39 17.62
CA LEU D 192 -39.16 -15.01 17.82
C LEU D 192 -40.01 -14.97 19.09
N ARG D 193 -39.55 -14.21 20.08
CA ARG D 193 -40.25 -14.05 21.35
C ARG D 193 -40.89 -12.67 21.47
N VAL D 194 -42.19 -12.65 21.74
CA VAL D 194 -42.97 -11.41 21.88
C VAL D 194 -43.75 -11.45 23.19
N SER D 195 -44.33 -10.31 23.56
CA SER D 195 -45.24 -10.24 24.70
C SER D 195 -46.52 -11.01 24.38
N ALA D 196 -47.12 -11.61 25.39
CA ALA D 196 -48.31 -12.43 25.20
C ALA D 196 -49.49 -11.65 24.59
N THR D 197 -49.68 -10.39 25.00
CA THR D 197 -50.73 -9.54 24.41
C THR D 197 -50.53 -9.27 22.93
N PHE D 198 -49.28 -9.16 22.50
CA PHE D 198 -48.96 -8.98 21.07
C PHE D 198 -49.34 -10.22 20.25
N TRP D 199 -49.06 -11.41 20.80
CA TRP D 199 -49.49 -12.67 20.18
C TRP D 199 -51.01 -12.86 20.23
N GLN D 200 -51.63 -12.51 21.37
CA GLN D 200 -53.10 -12.61 21.53
C GLN D 200 -53.90 -11.65 20.64
N ASN D 201 -53.27 -10.57 20.18
CA ASN D 201 -53.89 -9.65 19.21
C ASN D 201 -54.02 -10.34 17.85
N PRO D 202 -55.27 -10.64 17.42
CA PRO D 202 -55.45 -11.42 16.20
C PRO D 202 -55.21 -10.67 14.88
N ARG D 203 -54.88 -9.38 14.95
CA ARG D 203 -54.54 -8.59 13.77
C ARG D 203 -53.04 -8.51 13.46
N ASN D 204 -52.21 -9.22 14.23
CA ASN D 204 -50.77 -9.34 13.97
C ASN D 204 -50.45 -10.59 13.16
N HIS D 205 -49.98 -10.38 11.92
CA HIS D 205 -49.61 -11.46 11.01
C HIS D 205 -48.13 -11.79 11.14
N PHE D 206 -47.82 -12.96 11.69
CA PHE D 206 -46.43 -13.40 11.88
C PHE D 206 -46.00 -14.27 10.70
N ARG D 207 -44.74 -14.11 10.29
CA ARG D 207 -44.22 -14.89 9.16
C ARG D 207 -42.72 -15.09 9.22
N CYS D 208 -42.31 -16.37 9.15
CA CYS D 208 -40.92 -16.76 9.03
C CYS D 208 -40.60 -17.02 7.56
N GLN D 209 -39.54 -16.39 7.07
CA GLN D 209 -39.16 -16.43 5.65
C GLN D 209 -37.74 -16.95 5.54
N VAL D 210 -37.52 -17.95 4.70
CA VAL D 210 -36.17 -18.46 4.41
C VAL D 210 -35.83 -18.22 2.94
N GLN D 211 -34.84 -17.35 2.72
CA GLN D 211 -34.25 -17.13 1.41
C GLN D 211 -33.25 -18.25 1.16
N PHE D 212 -33.55 -19.13 0.21
CA PHE D 212 -32.64 -20.22 -0.18
C PHE D 212 -31.92 -19.82 -1.46
N TYR D 213 -30.60 -19.93 -1.44
CA TYR D 213 -29.77 -19.68 -2.61
C TYR D 213 -29.36 -21.01 -3.23
N GLY D 214 -29.69 -21.20 -4.50
CA GLY D 214 -29.39 -22.43 -5.22
C GLY D 214 -29.08 -22.14 -6.68
N LEU D 215 -29.77 -22.84 -7.58
CA LEU D 215 -29.44 -22.80 -9.00
C LEU D 215 -30.00 -21.58 -9.71
N SER D 216 -29.24 -21.11 -10.70
CA SER D 216 -29.68 -20.07 -11.62
C SER D 216 -30.61 -20.68 -12.66
N GLU D 217 -31.37 -19.82 -13.34
CA GLU D 217 -32.22 -20.24 -14.46
C GLU D 217 -31.42 -20.69 -15.71
N ASN D 218 -30.12 -20.39 -15.76
CA ASN D 218 -29.20 -20.89 -16.81
C ASN D 218 -28.23 -22.01 -16.34
N ASP D 219 -28.66 -22.81 -15.36
CA ASP D 219 -27.94 -24.02 -14.94
C ASP D 219 -28.69 -25.24 -15.50
N GLU D 220 -27.97 -26.20 -16.08
CA GLU D 220 -28.58 -27.43 -16.63
C GLU D 220 -29.13 -28.29 -15.50
N TRP D 221 -30.17 -29.06 -15.78
CA TRP D 221 -30.82 -29.91 -14.78
C TRP D 221 -31.32 -31.23 -15.37
N THR D 222 -30.57 -32.31 -15.13
CA THR D 222 -30.85 -33.61 -15.73
C THR D 222 -31.83 -34.50 -14.93
N GLN D 223 -32.23 -34.07 -13.74
CA GLN D 223 -33.08 -34.89 -12.86
C GLN D 223 -34.58 -34.70 -13.06
N ASP D 224 -35.32 -35.67 -12.53
CA ASP D 224 -36.77 -35.74 -12.66
C ASP D 224 -37.47 -34.72 -11.78
N ARG D 225 -37.02 -34.56 -10.54
CA ARG D 225 -37.65 -33.64 -9.59
C ARG D 225 -37.56 -32.17 -10.02
N ALA D 226 -38.30 -31.32 -9.29
CA ALA D 226 -38.30 -29.86 -9.52
C ALA D 226 -36.90 -29.28 -9.40
N LYS D 227 -36.56 -28.38 -10.32
CA LYS D 227 -35.26 -27.72 -10.35
C LYS D 227 -35.07 -26.84 -9.11
N PRO D 228 -34.04 -27.13 -8.28
CA PRO D 228 -33.86 -26.46 -6.98
C PRO D 228 -33.23 -25.07 -7.11
N VAL D 229 -34.06 -24.11 -7.46
CA VAL D 229 -33.61 -22.74 -7.75
C VAL D 229 -33.61 -21.83 -6.52
N THR D 230 -32.84 -20.74 -6.65
CA THR D 230 -32.80 -19.65 -5.67
C THR D 230 -34.21 -19.12 -5.42
N GLN D 231 -34.77 -19.43 -4.25
CA GLN D 231 -36.17 -19.15 -3.97
C GLN D 231 -36.43 -18.77 -2.53
N ILE D 232 -37.64 -18.27 -2.28
CA ILE D 232 -38.13 -18.01 -0.95
C ILE D 232 -39.15 -19.09 -0.58
N VAL D 233 -39.03 -19.58 0.65
CA VAL D 233 -40.02 -20.46 1.25
C VAL D 233 -40.36 -19.85 2.60
N SER D 234 -41.64 -19.91 2.98
CA SER D 234 -42.10 -19.27 4.21
C SER D 234 -43.26 -20.00 4.88
N ALA D 235 -43.46 -19.68 6.14
CA ALA D 235 -44.58 -20.14 6.94
C ALA D 235 -45.12 -18.96 7.70
N GLU D 236 -46.40 -19.06 8.05
CA GLU D 236 -47.23 -17.92 8.40
C GLU D 236 -48.23 -18.28 9.48
N ALA D 237 -48.59 -17.31 10.31
CA ALA D 237 -49.60 -17.50 11.37
C ALA D 237 -50.15 -16.17 11.85
N TRP D 238 -51.47 -16.12 12.08
CA TRP D 238 -52.11 -14.97 12.74
C TRP D 238 -52.12 -15.17 14.24
N GLY D 239 -52.27 -14.07 14.97
CA GLY D 239 -52.47 -14.11 16.42
C GLY D 239 -53.85 -14.63 16.79
N ARG D 240 -54.02 -15.00 18.07
CA ARG D 240 -55.32 -15.49 18.55
C ARG D 240 -55.46 -15.36 20.07
N ALA D 241 -56.58 -14.77 20.51
CA ALA D 241 -56.86 -14.54 21.92
C ALA D 241 -57.53 -15.76 22.54
#